data_8OP7
#
_entry.id   8OP7
#
_cell.length_a   1.00
_cell.length_b   1.00
_cell.length_c   1.00
_cell.angle_alpha   90.00
_cell.angle_beta   90.00
_cell.angle_gamma   90.00
#
_symmetry.space_group_name_H-M   'P 1'
#
loop_
_entity.id
_entity.type
_entity.pdbx_description
1 polymer 'Cation-transporting ATPase-like protein'
2 non-polymer 'BERYLLIUM TRIFLUORIDE ION'
3 non-polymer 'MAGNESIUM ION'
#
_entity_poly.entity_id   1
_entity_poly.type   'polypeptide(L)'
_entity_poly.pdbx_seq_one_letter_code
;MAPLVDNPQIKSAELLRPLPLYQHAYVWPYVIVWPVFLRVYLTQELYDKYIGAQEWTFVWIISIVTFQTLTWLCTHWSVN
LNALFTAKKASSIEDAQLIKVIPVANAGAADICKLVRDKVGDNKTNISFLFQKRRFLWYPERKAFSTLEFDIDAEPKPTL
SKFQLSRGIESEDELKRLEQHYGTNTFDIPVPTFTELFKEHAVAPFFVFQVFCVGLWLLDEYWYYSLFTLVMLVVFESTV
VWQRQRTLTEFRSMSIKPYPIYVYRLGKWTEIQSDKLLPGDLVSVTRTKEDSGVACDMILVEGTAIVNEAMLSGESTPLL
KDSIQLRPGDAVLEVDGLDKNSLLWGGTKVLQITHGTAEEERPKPASGIPPPPDNGAMAVVTKTGFETSQGSLVRTMIYS
TERVSANNTEALLFILFLLVFALAASWYVWDEGVRKDRKRSKLLLDCILIITSVVPPELPMELSLAVNTSLSALAKFAIF
CTEPFRIPFAGRIDVACFDKTGTLTGEDLVVEGIAGLGLGHSGTDTPKEADGAHTRMVSVHDAGMETTLVLATAHALVKL
DEGEIVGDPMEKATLNALGWVLGKNDTLTSKPGNAASSGILGTVQIKRRFQFSSALKRQSSVATITATEVKTGRKLRGSF
VGVKGAPETIMKMLVTVPEHYEETYKYFTRRGSRVLALAYKQLTTEGELGANKINDLKRESVEADLHFAGFLVLQCPLKE
DAKQAVRMLNESSHRVVMITGDNPLTAVHVAKEVEIVDRDVLILDAPEHSVYGEESLVWRSVDDKIRIDVDPTKPIDPEI
LKTKDLCVTGYALNKFKGQVGWKSLLRYTWVYARVSPKQKEDILLGLKDMGYYTLMAGDGTNDVGALKQAHVGVALLNGT
QEDLNRIAEHTRNQKMKELYQKQVDLMARWGQPPPPVPAMIAHLYPPGPSNPHYQKAMEREAQKRGVTVEQLAKVNGTNV
TSNPAGVQQQSGQDAKKAKQVEAAKKAANFADKLTSSLMEAEMDDEPPTLKLGDASVAAPFTSKLRNVMAIPNILRQGRC
TLVATIQMYKILALNCLISAYSLSVLYLEGIKFGDGQITISGMLMSVCFLSISRARSVEGLSKERPQPNIFNFYIIGSIL
GQFAVHVATLIYIAQLCDQIEPRTEVIDLEAEFKPSLLNSAVYLLQLIQQISTFAVNYQGRPFRESLSENKGMFYGIVGV
TAIAFACSTEMLPELNEAMKLVPFNENFKTIMTTVMIIDFVACYVIEWVLKKLFSDLRARDIAERRPDQLERERVRKEKE
AREKEEEEERKERERIEAFERRLEEKRTRLVEAAAQREQQQQQWAQRR
;
_entity_poly.pdbx_strand_id   A
#
# COMPACT_ATOMS: atom_id res chain seq x y z
N ALA A 2 10.02 -12.79 33.74
CA ALA A 2 10.61 -12.95 32.42
C ALA A 2 9.59 -13.50 31.42
N PRO A 3 9.52 -12.88 30.25
CA PRO A 3 8.58 -13.37 29.22
C PRO A 3 8.97 -14.74 28.71
N LEU A 4 7.96 -15.51 28.31
CA LEU A 4 8.19 -16.86 27.82
C LEU A 4 8.87 -16.84 26.45
N VAL A 5 8.46 -15.92 25.59
CA VAL A 5 9.04 -15.77 24.26
C VAL A 5 9.93 -14.53 24.27
N ASP A 6 11.22 -14.72 24.00
CA ASP A 6 12.20 -13.63 24.06
C ASP A 6 12.34 -13.05 22.66
N ASN A 7 11.49 -12.05 22.36
CA ASN A 7 11.52 -11.38 21.08
C ASN A 7 10.81 -10.05 21.22
N PRO A 8 11.31 -8.97 20.61
CA PRO A 8 10.62 -7.67 20.72
C PRO A 8 9.22 -7.67 20.11
N GLN A 9 8.97 -8.50 19.10
CA GLN A 9 7.68 -8.46 18.42
C GLN A 9 6.58 -9.09 19.28
N ILE A 10 6.88 -10.19 19.95
CA ILE A 10 5.87 -10.94 20.71
C ILE A 10 5.61 -10.23 22.03
N LYS A 11 4.33 -9.97 22.33
CA LYS A 11 3.96 -9.34 23.59
C LYS A 11 3.91 -10.36 24.72
N SER A 12 3.10 -11.40 24.57
CA SER A 12 2.93 -12.39 25.62
C SER A 12 2.59 -13.74 24.99
N ALA A 13 2.84 -14.80 25.76
CA ALA A 13 2.58 -16.16 25.31
C ALA A 13 2.03 -16.97 26.47
N GLU A 14 1.52 -18.15 26.16
CA GLU A 14 0.92 -19.02 27.16
C GLU A 14 0.94 -20.46 26.66
N LEU A 15 1.20 -21.39 27.57
CA LEU A 15 1.22 -22.80 27.24
C LEU A 15 -0.18 -23.40 27.35
N LEU A 16 -0.55 -24.22 26.37
CA LEU A 16 -1.88 -24.79 26.27
C LEU A 16 -1.79 -26.29 26.06
N ARG A 17 -2.87 -26.99 26.42
CA ARG A 17 -2.99 -28.42 26.22
C ARG A 17 -4.36 -28.70 25.60
N PRO A 18 -4.41 -29.45 24.50
CA PRO A 18 -5.68 -29.61 23.78
C PRO A 18 -6.63 -30.54 24.50
N LEU A 19 -7.89 -30.45 24.10
CA LEU A 19 -8.98 -31.26 24.63
C LEU A 19 -9.73 -31.92 23.47
N PRO A 20 -10.28 -33.10 23.68
CA PRO A 20 -11.02 -33.79 22.61
C PRO A 20 -12.39 -33.14 22.40
N LEU A 21 -13.13 -33.69 21.44
CA LEU A 21 -14.44 -33.14 21.08
C LEU A 21 -15.47 -33.31 22.19
N TYR A 22 -15.22 -34.22 23.14
CA TYR A 22 -16.19 -34.47 24.20
C TYR A 22 -16.28 -33.30 25.18
N GLN A 23 -15.16 -32.64 25.45
CA GLN A 23 -15.08 -31.61 26.49
C GLN A 23 -15.11 -30.19 25.93
N HIS A 24 -15.39 -30.02 24.65
CA HIS A 24 -15.49 -28.68 24.08
C HIS A 24 -16.70 -27.95 24.64
N ALA A 25 -16.60 -26.62 24.68
CA ALA A 25 -17.65 -25.81 25.29
C ALA A 25 -18.86 -25.63 24.40
N TYR A 26 -18.80 -26.04 23.12
CA TYR A 26 -19.97 -26.00 22.24
C TYR A 26 -20.55 -27.39 22.01
N VAL A 27 -20.15 -28.37 22.82
CA VAL A 27 -20.69 -29.72 22.73
C VAL A 27 -21.26 -30.10 24.10
N TRP A 28 -20.48 -29.86 25.15
CA TRP A 28 -20.83 -30.35 26.48
C TRP A 28 -22.13 -29.76 27.04
N PRO A 29 -22.38 -28.45 27.03
CA PRO A 29 -23.68 -27.99 27.57
C PRO A 29 -24.85 -28.37 26.70
N TYR A 30 -24.63 -28.58 25.41
CA TYR A 30 -25.70 -28.83 24.46
C TYR A 30 -25.97 -30.31 24.24
N VAL A 31 -25.31 -31.19 24.98
CA VAL A 31 -25.62 -32.62 24.96
C VAL A 31 -26.39 -33.05 26.18
N ILE A 32 -26.46 -32.22 27.24
CA ILE A 32 -27.27 -32.52 28.41
C ILE A 32 -28.54 -31.68 28.47
N VAL A 33 -28.70 -30.71 27.58
CA VAL A 33 -29.87 -29.83 27.58
C VAL A 33 -30.83 -30.28 26.48
N TRP A 34 -30.28 -30.59 25.31
CA TRP A 34 -31.07 -31.03 24.15
C TRP A 34 -31.95 -32.26 24.42
N PRO A 35 -31.47 -33.35 25.07
CA PRO A 35 -32.41 -34.45 25.37
C PRO A 35 -33.52 -34.06 26.33
N VAL A 36 -33.27 -33.12 27.24
CA VAL A 36 -34.30 -32.71 28.20
C VAL A 36 -35.49 -32.09 27.48
N PHE A 37 -35.21 -31.19 26.53
CA PHE A 37 -36.28 -30.62 25.73
C PHE A 37 -36.85 -31.62 24.74
N LEU A 38 -36.01 -32.52 24.22
CA LEU A 38 -36.47 -33.49 23.24
C LEU A 38 -37.49 -34.45 23.84
N ARG A 39 -37.26 -34.90 25.08
CA ARG A 39 -38.22 -35.77 25.74
C ARG A 39 -39.56 -35.07 25.93
N VAL A 40 -39.53 -33.81 26.36
CA VAL A 40 -40.74 -33.03 26.59
C VAL A 40 -41.52 -32.84 25.30
N TYR A 41 -40.81 -32.52 24.21
CA TYR A 41 -41.48 -32.35 22.93
C TYR A 41 -42.05 -33.67 22.41
N LEU A 42 -41.29 -34.75 22.53
CA LEU A 42 -41.68 -36.02 21.93
C LEU A 42 -42.76 -36.75 22.71
N THR A 43 -42.46 -37.16 23.94
CA THR A 43 -43.28 -38.16 24.63
C THR A 43 -43.59 -37.70 26.06
N GLN A 44 -44.04 -36.47 26.20
CA GLN A 44 -44.50 -35.98 27.50
C GLN A 44 -46.01 -35.80 27.56
N GLU A 45 -46.61 -35.22 26.52
CA GLU A 45 -48.05 -35.04 26.36
C GLU A 45 -48.66 -34.22 27.50
N LEU A 46 -47.86 -33.48 28.23
CA LEU A 46 -48.31 -32.66 29.36
C LEU A 46 -47.67 -31.29 29.26
N TYR A 47 -47.77 -30.66 28.09
CA TYR A 47 -47.07 -29.42 27.82
C TYR A 47 -47.68 -28.27 28.59
N ASP A 48 -47.38 -28.18 29.89
CA ASP A 48 -47.82 -27.08 30.72
C ASP A 48 -46.73 -26.04 30.95
N LYS A 49 -45.46 -26.38 30.72
CA LYS A 49 -44.40 -25.38 30.76
C LYS A 49 -44.59 -24.36 29.66
N TYR A 50 -44.91 -24.81 28.46
CA TYR A 50 -45.32 -23.96 27.35
C TYR A 50 -46.41 -24.68 26.57
N ILE A 51 -47.19 -23.91 25.81
CA ILE A 51 -48.46 -24.38 25.28
C ILE A 51 -48.26 -25.57 24.34
N GLY A 52 -47.28 -25.49 23.45
CA GLY A 52 -47.00 -26.57 22.53
C GLY A 52 -47.45 -26.35 21.10
N ALA A 53 -47.76 -25.11 20.72
CA ALA A 53 -48.04 -24.81 19.33
C ALA A 53 -46.77 -24.93 18.49
N GLN A 54 -46.95 -24.97 17.17
CA GLN A 54 -45.82 -25.18 16.27
C GLN A 54 -44.80 -24.05 16.38
N GLU A 55 -45.27 -22.81 16.44
CA GLU A 55 -44.36 -21.67 16.59
C GLU A 55 -43.69 -21.65 17.95
N TRP A 56 -44.39 -22.10 18.99
CA TRP A 56 -43.80 -22.10 20.33
C TRP A 56 -42.63 -23.08 20.43
N THR A 57 -42.74 -24.26 19.81
CA THR A 57 -41.60 -25.16 19.76
C THR A 57 -40.54 -24.69 18.77
N PHE A 58 -40.95 -24.01 17.69
CA PHE A 58 -39.99 -23.48 16.74
C PHE A 58 -39.11 -22.40 17.38
N VAL A 59 -39.67 -21.61 18.30
CA VAL A 59 -38.90 -20.59 19.00
C VAL A 59 -37.80 -21.25 19.83
N TRP A 60 -38.15 -22.31 20.57
CA TRP A 60 -37.16 -23.03 21.36
C TRP A 60 -36.15 -23.77 20.51
N ILE A 61 -36.53 -24.23 19.32
CA ILE A 61 -35.55 -24.80 18.40
C ILE A 61 -34.55 -23.74 17.95
N ILE A 62 -35.06 -22.58 17.54
CA ILE A 62 -34.21 -21.53 16.99
C ILE A 62 -33.27 -20.96 18.05
N SER A 63 -33.76 -20.84 19.29
CA SER A 63 -32.91 -20.28 20.35
C SER A 63 -31.70 -21.17 20.60
N ILE A 64 -31.91 -22.48 20.74
CA ILE A 64 -30.80 -23.39 21.00
C ILE A 64 -29.88 -23.50 19.80
N VAL A 65 -30.45 -23.49 18.58
CA VAL A 65 -29.62 -23.58 17.38
C VAL A 65 -28.72 -22.33 17.27
N THR A 66 -29.29 -21.15 17.53
CA THR A 66 -28.50 -19.93 17.46
C THR A 66 -27.45 -19.88 18.57
N PHE A 67 -27.77 -20.41 19.76
CA PHE A 67 -26.78 -20.46 20.82
C PHE A 67 -25.62 -21.39 20.44
N GLN A 68 -25.93 -22.53 19.83
CA GLN A 68 -24.88 -23.43 19.34
C GLN A 68 -24.01 -22.75 18.30
N THR A 69 -24.65 -22.04 17.35
CA THR A 69 -23.90 -21.37 16.30
C THR A 69 -23.01 -20.27 16.85
N LEU A 70 -23.52 -19.48 17.81
CA LEU A 70 -22.72 -18.42 18.40
C LEU A 70 -21.55 -18.98 19.22
N THR A 71 -21.79 -20.06 19.96
CA THR A 71 -20.72 -20.67 20.74
C THR A 71 -19.65 -21.27 19.83
N TRP A 72 -20.06 -21.80 18.67
CA TRP A 72 -19.06 -22.30 17.72
C TRP A 72 -18.29 -21.15 17.07
N LEU A 73 -18.96 -20.07 16.71
CA LEU A 73 -18.33 -18.97 16.01
C LEU A 73 -17.45 -18.12 16.91
N CYS A 74 -17.68 -18.13 18.22
CA CYS A 74 -16.83 -17.36 19.13
C CYS A 74 -15.41 -17.90 19.17
N THR A 75 -15.22 -19.19 18.88
CA THR A 75 -13.88 -19.74 18.80
C THR A 75 -13.17 -19.33 17.52
N HIS A 76 -13.91 -18.90 16.50
CA HIS A 76 -13.31 -18.44 15.26
C HIS A 76 -13.09 -16.94 15.23
N TRP A 77 -13.93 -16.17 15.94
CA TRP A 77 -13.79 -14.72 15.90
C TRP A 77 -12.58 -14.24 16.71
N SER A 78 -12.36 -14.82 17.89
CA SER A 78 -11.27 -14.40 18.76
C SER A 78 -10.48 -15.62 19.22
N VAL A 79 -9.20 -15.41 19.49
CA VAL A 79 -8.33 -16.52 19.90
C VAL A 79 -8.26 -16.69 21.41
N ASN A 80 -8.57 -15.64 22.19
CA ASN A 80 -8.63 -15.82 23.64
C ASN A 80 -9.81 -16.72 24.02
N LEU A 81 -10.95 -16.53 23.36
CA LEU A 81 -12.07 -17.45 23.55
C LEU A 81 -11.75 -18.83 23.02
N ASN A 82 -10.92 -18.91 21.97
CA ASN A 82 -10.47 -20.21 21.49
C ASN A 82 -9.64 -20.94 22.55
N ALA A 83 -8.75 -20.20 23.22
CA ALA A 83 -7.96 -20.80 24.29
C ALA A 83 -8.84 -21.18 25.49
N LEU A 84 -9.87 -20.37 25.75
CA LEU A 84 -10.75 -20.66 26.88
C LEU A 84 -11.61 -21.89 26.61
N PHE A 85 -12.10 -22.06 25.39
CA PHE A 85 -13.01 -23.15 25.03
C PHE A 85 -12.29 -24.42 24.63
N THR A 86 -11.47 -24.36 23.57
CA THR A 86 -10.90 -25.57 22.98
C THR A 86 -9.89 -26.24 23.88
N ALA A 87 -8.95 -25.48 24.44
CA ALA A 87 -7.83 -26.05 25.19
C ALA A 87 -7.91 -25.66 26.65
N LYS A 88 -6.98 -26.19 27.43
CA LYS A 88 -6.88 -25.89 28.85
C LYS A 88 -5.45 -25.44 29.17
N LYS A 89 -5.29 -24.82 30.33
CA LYS A 89 -3.98 -24.31 30.73
C LYS A 89 -3.07 -25.46 31.14
N ALA A 90 -1.85 -25.49 30.60
CA ALA A 90 -0.89 -26.54 30.87
C ALA A 90 0.13 -26.08 31.90
N SER A 91 0.97 -27.03 32.34
CA SER A 91 1.94 -26.75 33.38
C SER A 91 3.31 -26.36 32.82
N SER A 92 3.91 -27.23 32.01
CA SER A 92 5.26 -26.98 31.52
C SER A 92 5.40 -27.61 30.13
N ILE A 93 6.65 -27.71 29.66
CA ILE A 93 6.94 -28.14 28.31
C ILE A 93 6.64 -29.62 28.11
N GLU A 94 6.78 -30.43 29.17
CA GLU A 94 6.64 -31.88 29.03
C GLU A 94 5.21 -32.32 28.74
N ASP A 95 4.24 -31.42 28.89
CA ASP A 95 2.85 -31.75 28.62
C ASP A 95 2.17 -30.85 27.61
N ALA A 96 2.73 -29.68 27.30
CA ALA A 96 2.09 -28.76 26.38
C ALA A 96 2.19 -29.27 24.95
N GLN A 97 1.13 -29.05 24.17
CA GLN A 97 1.11 -29.38 22.75
C GLN A 97 0.80 -28.20 21.85
N LEU A 98 0.09 -27.19 22.34
CA LEU A 98 -0.20 -25.98 21.58
C LEU A 98 0.25 -24.78 22.38
N ILE A 99 0.63 -23.71 21.68
CA ILE A 99 1.01 -22.45 22.31
C ILE A 99 0.23 -21.34 21.63
N LYS A 100 -0.12 -20.32 22.40
CA LYS A 100 -0.86 -19.16 21.90
C LYS A 100 0.06 -17.95 21.97
N VAL A 101 0.25 -17.28 20.84
CA VAL A 101 1.20 -16.16 20.75
C VAL A 101 0.42 -14.91 20.37
N ILE A 102 0.73 -13.83 21.06
CA ILE A 102 0.13 -12.52 20.83
C ILE A 102 1.20 -11.58 20.30
N PRO A 103 1.03 -10.97 19.14
CA PRO A 103 2.02 -10.02 18.64
C PRO A 103 1.83 -8.65 19.29
N VAL A 104 2.72 -7.73 18.94
CA VAL A 104 2.62 -6.35 19.42
C VAL A 104 1.47 -5.69 18.67
N ALA A 105 1.07 -4.49 19.10
CA ALA A 105 -0.22 -3.91 18.71
C ALA A 105 -0.34 -3.70 17.21
N ASN A 106 0.76 -3.52 16.49
CA ASN A 106 0.67 -3.20 15.07
C ASN A 106 1.70 -3.96 14.26
N ALA A 107 1.84 -5.26 14.48
CA ALA A 107 2.76 -6.08 13.69
C ALA A 107 2.17 -7.45 13.42
N GLY A 108 0.90 -7.51 13.02
CA GLY A 108 0.31 -8.75 12.59
C GLY A 108 -0.98 -9.04 13.32
N ALA A 109 -1.27 -10.33 13.47
CA ALA A 109 -2.49 -10.80 14.11
C ALA A 109 -2.17 -11.94 15.06
N ALA A 110 -3.09 -12.18 16.00
CA ALA A 110 -2.92 -13.23 16.98
C ALA A 110 -3.00 -14.60 16.34
N ASP A 111 -2.40 -15.59 16.99
CA ASP A 111 -2.32 -16.92 16.40
C ASP A 111 -2.09 -17.96 17.49
N ILE A 112 -2.42 -19.20 17.14
CA ILE A 112 -2.15 -20.38 17.96
C ILE A 112 -1.36 -21.36 17.12
N CYS A 113 -0.17 -21.73 17.58
CA CYS A 113 0.73 -22.59 16.83
C CYS A 113 0.99 -23.89 17.58
N LYS A 114 1.13 -24.96 16.82
CA LYS A 114 1.34 -26.29 17.39
C LYS A 114 2.83 -26.60 17.54
N LEU A 115 3.17 -27.16 18.69
CA LEU A 115 4.56 -27.50 18.99
C LEU A 115 4.99 -28.72 18.19
N VAL A 116 6.27 -28.73 17.79
CA VAL A 116 6.88 -29.84 17.09
C VAL A 116 8.12 -30.25 17.85
N ARG A 117 8.23 -31.55 18.15
CA ARG A 117 9.35 -32.11 18.89
C ARG A 117 10.18 -32.98 17.96
N ASP A 118 11.49 -32.79 18.01
CA ASP A 118 12.43 -33.55 17.19
C ASP A 118 13.38 -34.33 18.08
N LYS A 119 13.73 -35.53 17.64
CA LYS A 119 14.52 -36.47 18.41
C LYS A 119 15.78 -36.86 17.64
N VAL A 120 16.48 -35.85 17.12
CA VAL A 120 17.72 -36.10 16.38
C VAL A 120 18.80 -36.60 17.33
N GLY A 121 18.79 -36.13 18.58
CA GLY A 121 19.79 -36.58 19.52
C GLY A 121 19.37 -37.82 20.27
N ASP A 122 20.36 -38.55 20.78
CA ASP A 122 20.08 -39.73 21.60
C ASP A 122 19.40 -39.34 22.91
N ASN A 123 19.85 -38.25 23.53
CA ASN A 123 19.23 -37.74 24.75
C ASN A 123 18.85 -36.27 24.62
N LYS A 124 18.90 -35.71 23.42
CA LYS A 124 18.59 -34.31 23.19
C LYS A 124 17.41 -34.20 22.23
N THR A 125 16.47 -33.32 22.57
CA THR A 125 15.29 -33.09 21.75
C THR A 125 15.15 -31.60 21.47
N ASN A 126 14.48 -31.29 20.36
CA ASN A 126 14.27 -29.92 19.93
C ASN A 126 12.78 -29.59 19.99
N ILE A 127 12.45 -28.45 20.57
CA ILE A 127 11.08 -27.96 20.67
C ILE A 127 10.97 -26.71 19.82
N SER A 128 10.07 -26.72 18.85
CA SER A 128 9.96 -25.58 17.93
C SER A 128 8.53 -25.40 17.48
N PHE A 129 8.12 -24.14 17.30
CA PHE A 129 6.80 -23.86 16.74
C PHE A 129 6.93 -22.76 15.71
N LEU A 130 6.22 -22.92 14.59
CA LEU A 130 6.31 -22.00 13.46
C LEU A 130 5.25 -20.92 13.63
N PHE A 131 5.67 -19.73 14.05
CA PHE A 131 4.81 -18.55 14.05
C PHE A 131 5.31 -17.60 12.98
N GLN A 132 4.40 -17.20 12.08
CA GLN A 132 4.69 -16.25 11.01
C GLN A 132 5.88 -16.70 10.16
N LYS A 133 5.97 -18.02 9.96
CA LYS A 133 7.06 -18.66 9.23
C LYS A 133 8.43 -18.31 9.81
N ARG A 134 8.51 -18.30 11.14
CA ARG A 134 9.78 -18.15 11.84
C ARG A 134 9.99 -19.36 12.74
N ARG A 135 11.21 -19.91 12.74
CA ARG A 135 11.51 -21.11 13.51
C ARG A 135 12.00 -20.71 14.90
N PHE A 136 11.03 -20.41 15.77
CA PHE A 136 11.34 -20.24 17.18
C PHE A 136 11.78 -21.56 17.78
N LEU A 137 12.77 -21.53 18.66
CA LEU A 137 13.33 -22.72 19.26
C LEU A 137 13.32 -22.57 20.78
N TRP A 138 13.28 -23.69 21.50
CA TRP A 138 13.34 -23.66 22.95
C TRP A 138 14.74 -24.01 23.42
N TYR A 139 15.33 -23.13 24.22
CA TYR A 139 16.62 -23.38 24.84
C TYR A 139 16.41 -23.71 26.31
N PRO A 140 16.75 -24.94 26.75
CA PRO A 140 16.47 -25.32 28.14
C PRO A 140 17.20 -24.48 29.17
N GLU A 141 18.38 -23.95 28.84
CA GLU A 141 19.15 -23.19 29.81
C GLU A 141 18.45 -21.88 30.19
N ARG A 142 17.87 -21.20 29.21
CA ARG A 142 17.22 -19.92 29.44
C ARG A 142 15.75 -20.04 29.81
N LYS A 143 15.17 -21.23 29.68
CA LYS A 143 13.76 -21.50 30.00
C LYS A 143 12.83 -20.56 29.24
N ALA A 144 13.18 -20.28 27.98
CA ALA A 144 12.39 -19.36 27.17
C ALA A 144 12.64 -19.66 25.70
N PHE A 145 11.64 -19.33 24.88
CA PHE A 145 11.76 -19.44 23.43
C PHE A 145 12.53 -18.24 22.88
N SER A 146 13.22 -18.45 21.76
CA SER A 146 13.93 -17.38 21.08
C SER A 146 14.14 -17.80 19.63
N THR A 147 14.48 -16.82 18.80
CA THR A 147 14.75 -17.11 17.40
C THR A 147 16.08 -17.82 17.26
N LEU A 148 16.30 -18.40 16.07
CA LEU A 148 17.52 -19.15 15.81
C LEU A 148 18.72 -18.21 15.77
N GLU A 149 19.87 -18.72 16.21
CA GLU A 149 21.12 -17.97 16.21
C GLU A 149 22.09 -18.56 15.20
N PHE A 150 22.86 -17.69 14.55
CA PHE A 150 23.79 -18.09 13.50
C PHE A 150 25.22 -17.81 13.95
N ASP A 151 26.16 -18.07 13.05
CA ASP A 151 27.58 -17.87 13.37
C ASP A 151 27.93 -16.40 13.38
N ILE A 152 27.35 -15.60 12.47
CA ILE A 152 27.67 -14.20 12.36
C ILE A 152 27.09 -13.35 13.50
N ASP A 153 26.16 -13.91 14.27
CA ASP A 153 25.49 -13.17 15.34
C ASP A 153 25.80 -13.84 16.67
N ALA A 154 26.63 -13.20 17.48
CA ALA A 154 26.96 -13.66 18.82
C ALA A 154 27.45 -12.48 19.62
N GLU A 155 27.35 -12.59 20.96
CA GLU A 155 27.87 -11.51 21.79
C GLU A 155 29.39 -11.42 21.77
N PRO A 156 30.17 -12.51 21.54
CA PRO A 156 31.53 -12.30 21.03
C PRO A 156 31.53 -12.28 19.52
N LYS A 157 31.93 -11.16 18.92
CA LYS A 157 31.98 -11.08 17.47
C LYS A 157 33.10 -11.98 16.95
N PRO A 158 32.84 -12.83 15.96
CA PRO A 158 33.87 -13.79 15.53
C PRO A 158 35.02 -13.11 14.82
N THR A 159 36.19 -13.73 14.92
CA THR A 159 37.39 -13.18 14.31
C THR A 159 37.35 -13.36 12.79
N LEU A 160 38.19 -12.57 12.11
CA LEU A 160 38.30 -12.70 10.66
C LEU A 160 38.96 -14.00 10.24
N SER A 161 39.76 -14.62 11.13
CA SER A 161 40.41 -15.86 10.79
C SER A 161 39.42 -17.02 10.69
N LYS A 162 38.27 -16.91 11.35
CA LYS A 162 37.25 -17.95 11.26
C LYS A 162 36.69 -18.04 9.84
N PHE A 163 36.33 -16.90 9.26
CA PHE A 163 35.82 -16.88 7.90
C PHE A 163 36.93 -17.02 6.87
N GLN A 164 38.13 -16.53 7.17
CA GLN A 164 39.23 -16.59 6.21
C GLN A 164 39.74 -18.02 6.04
N LEU A 165 39.80 -18.79 7.13
CA LEU A 165 40.33 -20.14 7.11
C LEU A 165 39.24 -21.20 6.93
N SER A 166 38.00 -20.79 6.65
CA SER A 166 36.92 -21.74 6.47
C SER A 166 37.13 -22.57 5.22
N ARG A 167 37.02 -23.89 5.36
CA ARG A 167 37.26 -24.83 4.26
C ARG A 167 35.99 -25.53 3.81
N GLY A 168 34.83 -24.98 4.14
CA GLY A 168 33.57 -25.59 3.75
C GLY A 168 33.05 -26.56 4.78
N ILE A 169 32.09 -27.38 4.36
CA ILE A 169 31.42 -28.33 5.22
C ILE A 169 31.88 -29.73 4.83
N GLU A 170 32.50 -30.41 5.79
CA GLU A 170 32.87 -31.83 5.71
C GLU A 170 32.14 -32.56 6.84
N SER A 171 32.52 -33.83 7.06
CA SER A 171 32.00 -34.66 8.15
C SER A 171 30.47 -34.78 8.07
N GLU A 172 30.04 -35.58 7.08
CA GLU A 172 28.65 -35.79 6.66
C GLU A 172 27.62 -35.78 7.79
N ASP A 173 27.96 -36.33 8.96
CA ASP A 173 27.05 -36.26 10.09
C ASP A 173 26.80 -34.82 10.54
N GLU A 174 27.84 -33.98 10.50
CA GLU A 174 27.65 -32.55 10.78
C GLU A 174 26.78 -31.90 9.73
N LEU A 175 26.91 -32.34 8.47
CA LEU A 175 26.05 -31.84 7.40
C LEU A 175 24.59 -32.19 7.67
N LYS A 176 24.34 -33.42 8.10
CA LYS A 176 22.98 -33.83 8.45
C LYS A 176 22.44 -33.03 9.63
N ARG A 177 23.30 -32.78 10.63
CA ARG A 177 22.89 -31.97 11.78
C ARG A 177 22.52 -30.55 11.35
N LEU A 178 23.33 -29.94 10.49
CA LEU A 178 23.04 -28.60 10.00
C LEU A 178 21.75 -28.58 9.19
N GLU A 179 21.54 -29.59 8.35
CA GLU A 179 20.33 -29.65 7.53
C GLU A 179 19.08 -29.80 8.39
N GLN A 180 19.14 -30.63 9.42
CA GLN A 180 17.98 -30.80 10.29
C GLN A 180 17.77 -29.61 11.22
N HIS A 181 18.83 -28.86 11.54
CA HIS A 181 18.69 -27.78 12.50
C HIS A 181 18.27 -26.47 11.85
N TYR A 182 18.79 -26.17 10.65
CA TYR A 182 18.51 -24.89 10.02
C TYR A 182 17.45 -24.97 8.93
N GLY A 183 17.31 -26.11 8.27
CA GLY A 183 16.28 -26.28 7.26
C GLY A 183 16.72 -25.84 5.88
N THR A 184 15.90 -26.18 4.89
CA THR A 184 16.20 -25.86 3.50
C THR A 184 15.96 -24.38 3.23
N ASN A 185 16.65 -23.87 2.21
CA ASN A 185 16.53 -22.47 1.81
C ASN A 185 15.37 -22.35 0.82
N THR A 186 14.16 -22.31 1.36
CA THR A 186 12.95 -22.23 0.55
C THR A 186 11.99 -21.23 1.19
N PHE A 187 11.14 -20.62 0.36
CA PHE A 187 10.21 -19.60 0.81
C PHE A 187 8.78 -20.10 0.91
N ASP A 188 8.33 -20.87 -0.08
CA ASP A 188 7.04 -21.60 -0.13
C ASP A 188 5.86 -20.72 0.32
N ILE A 189 5.59 -19.70 -0.48
CA ILE A 189 4.40 -18.87 -0.29
C ILE A 189 3.16 -19.73 -0.50
N PRO A 190 2.16 -19.67 0.40
CA PRO A 190 1.05 -20.64 0.30
C PRO A 190 0.12 -20.42 -0.88
N VAL A 191 -0.26 -19.17 -1.17
CA VAL A 191 -1.24 -18.82 -2.20
C VAL A 191 -2.54 -19.59 -1.96
N PRO A 192 -3.35 -19.19 -0.98
CA PRO A 192 -4.52 -20.00 -0.60
C PRO A 192 -5.55 -20.12 -1.71
N THR A 193 -6.25 -21.25 -1.72
CA THR A 193 -7.18 -21.59 -2.78
C THR A 193 -8.60 -21.13 -2.41
N PHE A 194 -9.59 -21.63 -3.17
CA PHE A 194 -10.97 -21.15 -3.04
C PHE A 194 -11.61 -21.57 -1.73
N THR A 195 -11.29 -22.77 -1.24
CA THR A 195 -12.03 -23.32 -0.10
C THR A 195 -11.75 -22.55 1.18
N GLU A 196 -10.47 -22.28 1.49
CA GLU A 196 -10.17 -21.54 2.70
C GLU A 196 -10.62 -20.09 2.60
N LEU A 197 -10.56 -19.50 1.40
CA LEU A 197 -11.07 -18.14 1.22
C LEU A 197 -12.57 -18.08 1.49
N PHE A 198 -13.33 -19.07 1.00
CA PHE A 198 -14.76 -19.08 1.25
C PHE A 198 -15.07 -19.35 2.71
N LYS A 199 -14.28 -20.21 3.36
CA LYS A 199 -14.46 -20.46 4.79
C LYS A 199 -14.20 -19.19 5.60
N GLU A 200 -13.17 -18.44 5.25
CA GLU A 200 -12.89 -17.18 5.92
C GLU A 200 -13.98 -16.15 5.67
N HIS A 201 -14.54 -16.13 4.45
CA HIS A 201 -15.59 -15.18 4.13
C HIS A 201 -16.91 -15.54 4.80
N ALA A 202 -17.15 -16.82 5.06
CA ALA A 202 -18.45 -17.27 5.52
C ALA A 202 -18.67 -17.10 7.01
N VAL A 203 -17.64 -16.76 7.78
CA VAL A 203 -17.77 -16.56 9.22
C VAL A 203 -17.70 -15.10 9.60
N ALA A 204 -17.83 -14.19 8.63
CA ALA A 204 -17.90 -12.77 8.92
C ALA A 204 -19.20 -12.46 9.66
N PRO A 205 -19.20 -11.44 10.53
CA PRO A 205 -20.43 -11.11 11.26
C PRO A 205 -21.59 -10.71 10.37
N PHE A 206 -21.33 -10.03 9.25
CA PHE A 206 -22.41 -9.55 8.40
C PHE A 206 -23.09 -10.68 7.66
N PHE A 207 -22.32 -11.65 7.16
CA PHE A 207 -22.92 -12.79 6.47
C PHE A 207 -23.76 -13.63 7.44
N VAL A 208 -23.26 -13.86 8.65
CA VAL A 208 -24.01 -14.60 9.66
C VAL A 208 -25.27 -13.85 10.04
N PHE A 209 -25.17 -12.53 10.19
CA PHE A 209 -26.35 -11.72 10.50
C PHE A 209 -27.39 -11.80 9.39
N GLN A 210 -26.95 -11.73 8.13
CA GLN A 210 -27.87 -11.85 7.01
C GLN A 210 -28.54 -13.22 6.97
N VAL A 211 -27.77 -14.28 7.21
CA VAL A 211 -28.33 -15.63 7.20
C VAL A 211 -29.35 -15.80 8.32
N PHE A 212 -29.03 -15.29 9.51
CA PHE A 212 -29.96 -15.39 10.64
C PHE A 212 -31.23 -14.59 10.39
N CYS A 213 -31.09 -13.38 9.84
CA CYS A 213 -32.27 -12.54 9.58
C CYS A 213 -33.14 -13.13 8.48
N VAL A 214 -32.54 -13.78 7.49
CA VAL A 214 -33.32 -14.45 6.46
C VAL A 214 -34.02 -15.68 7.04
N GLY A 215 -33.32 -16.45 7.87
CA GLY A 215 -33.92 -17.66 8.43
C GLY A 215 -34.98 -17.38 9.45
N LEU A 216 -34.96 -16.20 10.08
CA LEU A 216 -36.01 -15.83 11.01
C LEU A 216 -37.37 -15.64 10.32
N TRP A 217 -37.37 -15.39 9.01
CA TRP A 217 -38.62 -15.22 8.29
C TRP A 217 -39.33 -16.54 8.03
N LEU A 218 -38.67 -17.67 8.30
CA LEU A 218 -39.25 -18.99 8.08
C LEU A 218 -40.15 -19.36 9.26
N LEU A 219 -41.23 -18.61 9.40
CA LEU A 219 -42.22 -18.82 10.45
C LEU A 219 -43.57 -19.21 9.86
N ASP A 220 -43.54 -20.10 8.86
CA ASP A 220 -44.69 -20.62 8.12
C ASP A 220 -45.45 -19.56 7.32
N GLU A 221 -44.96 -18.32 7.29
CA GLU A 221 -45.62 -17.30 6.47
C GLU A 221 -45.35 -17.50 4.99
N TYR A 222 -44.11 -17.83 4.64
CA TYR A 222 -43.73 -18.08 3.25
C TYR A 222 -42.55 -19.04 3.23
N TRP A 223 -42.69 -20.12 2.46
CA TRP A 223 -41.63 -21.11 2.30
C TRP A 223 -40.91 -20.98 0.97
N TYR A 224 -41.30 -20.03 0.13
CA TYR A 224 -40.67 -19.83 -1.17
C TYR A 224 -40.04 -18.46 -1.35
N TYR A 225 -40.29 -17.52 -0.45
CA TYR A 225 -39.71 -16.19 -0.53
C TYR A 225 -38.51 -16.02 0.40
N SER A 226 -38.06 -17.09 1.05
CA SER A 226 -36.90 -17.05 1.92
C SER A 226 -35.75 -17.91 1.43
N LEU A 227 -36.04 -19.06 0.84
CA LEU A 227 -34.98 -19.91 0.29
C LEU A 227 -34.32 -19.23 -0.91
N PHE A 228 -35.11 -18.51 -1.72
CA PHE A 228 -34.57 -17.81 -2.87
C PHE A 228 -33.59 -16.73 -2.45
N THR A 229 -33.90 -16.00 -1.38
CA THR A 229 -32.99 -14.97 -0.88
C THR A 229 -31.69 -15.59 -0.37
N LEU A 230 -31.78 -16.74 0.30
CA LEU A 230 -30.59 -17.43 0.77
C LEU A 230 -29.74 -17.90 -0.39
N VAL A 231 -30.37 -18.41 -1.45
CA VAL A 231 -29.64 -18.85 -2.64
C VAL A 231 -28.93 -17.66 -3.30
N MET A 232 -29.63 -16.51 -3.37
CA MET A 232 -29.02 -15.31 -3.93
C MET A 232 -27.84 -14.84 -3.10
N LEU A 233 -27.95 -14.90 -1.77
CA LEU A 233 -26.86 -14.51 -0.89
C LEU A 233 -25.65 -15.42 -1.09
N VAL A 234 -25.89 -16.73 -1.18
CA VAL A 234 -24.80 -17.68 -1.38
C VAL A 234 -24.12 -17.44 -2.73
N VAL A 235 -24.92 -17.18 -3.77
CA VAL A 235 -24.36 -16.93 -5.10
C VAL A 235 -23.52 -15.66 -5.11
N PHE A 236 -24.01 -14.60 -4.45
CA PHE A 236 -23.27 -13.35 -4.39
C PHE A 236 -21.96 -13.51 -3.63
N GLU A 237 -22.01 -14.18 -2.47
CA GLU A 237 -20.79 -14.41 -1.71
C GLU A 237 -19.82 -15.36 -2.41
N SER A 238 -20.31 -16.24 -3.26
CA SER A 238 -19.43 -17.07 -4.07
C SER A 238 -18.75 -16.28 -5.18
N THR A 239 -19.50 -15.44 -5.89
CA THR A 239 -18.88 -14.70 -7.00
C THR A 239 -17.94 -13.62 -6.49
N VAL A 240 -18.21 -13.03 -5.32
CA VAL A 240 -17.30 -12.03 -4.76
C VAL A 240 -15.96 -12.66 -4.40
N VAL A 241 -16.00 -13.81 -3.72
CA VAL A 241 -14.76 -14.46 -3.32
C VAL A 241 -14.06 -15.05 -4.55
N TRP A 242 -14.80 -15.44 -5.58
CA TRP A 242 -14.16 -15.90 -6.81
C TRP A 242 -13.42 -14.77 -7.51
N GLN A 243 -14.03 -13.58 -7.57
CA GLN A 243 -13.35 -12.43 -8.16
C GLN A 243 -12.11 -12.05 -7.35
N ARG A 244 -12.23 -12.09 -6.02
CA ARG A 244 -11.07 -11.77 -5.18
C ARG A 244 -9.95 -12.80 -5.38
N GLN A 245 -10.30 -14.08 -5.48
CA GLN A 245 -9.29 -15.11 -5.69
C GLN A 245 -8.60 -14.94 -7.04
N ARG A 246 -9.36 -14.60 -8.09
CA ARG A 246 -8.76 -14.39 -9.40
C ARG A 246 -7.82 -13.19 -9.40
N THR A 247 -8.28 -12.05 -8.86
CA THR A 247 -7.43 -10.87 -8.84
C THR A 247 -6.29 -10.96 -7.83
N LEU A 248 -6.33 -11.93 -6.91
CA LEU A 248 -5.22 -12.18 -6.02
C LEU A 248 -4.20 -13.12 -6.64
N THR A 249 -4.67 -14.14 -7.37
CA THR A 249 -3.74 -15.05 -8.04
C THR A 249 -3.09 -14.42 -9.26
N GLU A 250 -3.69 -13.36 -9.82
CA GLU A 250 -3.03 -12.66 -10.91
C GLU A 250 -1.74 -11.99 -10.46
N PHE A 251 -1.73 -11.35 -9.29
CA PHE A 251 -0.60 -10.55 -8.83
C PHE A 251 0.23 -11.26 -7.76
N ARG A 252 -0.39 -11.74 -6.69
CA ARG A 252 0.35 -12.27 -5.54
C ARG A 252 1.06 -13.58 -5.83
N SER A 253 0.78 -14.23 -6.96
CA SER A 253 1.47 -15.47 -7.31
C SER A 253 2.93 -15.17 -7.61
N MET A 254 3.81 -15.55 -6.68
CA MET A 254 5.23 -15.28 -6.81
C MET A 254 6.00 -16.58 -6.62
N SER A 255 7.21 -16.62 -7.18
CA SER A 255 8.04 -17.82 -7.10
C SER A 255 9.50 -17.43 -7.28
N ILE A 256 10.37 -18.17 -6.61
CA ILE A 256 11.81 -18.00 -6.72
C ILE A 256 12.37 -19.27 -7.35
N LYS A 257 12.89 -19.15 -8.56
CA LYS A 257 13.37 -20.32 -9.29
C LYS A 257 14.78 -20.67 -8.85
N PRO A 258 15.02 -21.89 -8.36
CA PRO A 258 16.39 -22.28 -8.01
C PRO A 258 17.28 -22.41 -9.24
N TYR A 259 18.57 -22.18 -9.02
CA TYR A 259 19.58 -22.32 -10.07
C TYR A 259 20.79 -23.06 -9.52
N PRO A 260 21.44 -23.89 -10.34
CA PRO A 260 22.56 -24.68 -9.84
C PRO A 260 23.77 -23.82 -9.52
N ILE A 261 24.62 -24.34 -8.64
CA ILE A 261 25.79 -23.60 -8.17
C ILE A 261 26.87 -24.61 -7.79
N TYR A 262 28.10 -24.12 -7.64
CA TYR A 262 29.21 -24.94 -7.19
C TYR A 262 29.40 -24.77 -5.69
N VAL A 263 29.49 -25.89 -4.97
CA VAL A 263 29.70 -25.86 -3.53
C VAL A 263 30.91 -26.73 -3.22
N TYR A 264 31.81 -26.21 -2.37
CA TYR A 264 32.97 -26.97 -1.91
C TYR A 264 32.56 -27.84 -0.72
N ARG A 265 31.92 -28.96 -1.04
CA ARG A 265 31.40 -29.88 -0.04
C ARG A 265 32.31 -31.09 0.06
N LEU A 266 32.64 -31.47 1.31
CA LEU A 266 33.45 -32.65 1.60
C LEU A 266 34.81 -32.61 0.90
N GLY A 267 35.36 -31.40 0.74
CA GLY A 267 36.62 -31.23 0.06
C GLY A 267 36.56 -31.42 -1.45
N LYS A 268 35.39 -31.21 -2.05
CA LYS A 268 35.26 -31.39 -3.50
C LYS A 268 34.20 -30.44 -4.02
N TRP A 269 34.41 -29.91 -5.23
CA TRP A 269 33.47 -29.00 -5.85
C TRP A 269 32.35 -29.78 -6.52
N THR A 270 31.12 -29.59 -6.05
CA THR A 270 29.96 -30.32 -6.56
C THR A 270 28.88 -29.36 -7.04
N GLU A 271 28.08 -29.85 -7.99
CA GLU A 271 26.89 -29.14 -8.47
C GLU A 271 25.78 -29.35 -7.44
N ILE A 272 25.25 -28.27 -6.89
CA ILE A 272 24.21 -28.32 -5.88
C ILE A 272 23.16 -27.26 -6.23
N GLN A 273 21.89 -27.66 -6.16
CA GLN A 273 20.80 -26.70 -6.37
C GLN A 273 20.80 -25.67 -5.24
N SER A 274 20.43 -24.43 -5.60
CA SER A 274 20.43 -23.35 -4.63
C SER A 274 19.38 -23.52 -3.54
N ASP A 275 18.46 -24.45 -3.69
CA ASP A 275 17.46 -24.70 -2.66
C ASP A 275 18.10 -25.26 -1.39
N LYS A 276 19.16 -26.05 -1.51
CA LYS A 276 19.78 -26.74 -0.38
C LYS A 276 21.15 -26.12 -0.11
N LEU A 277 21.17 -25.11 0.75
CA LEU A 277 22.40 -24.49 1.22
C LEU A 277 22.35 -24.34 2.73
N LEU A 278 23.49 -24.54 3.38
CA LEU A 278 23.59 -24.49 4.83
C LEU A 278 24.68 -23.51 5.24
N PRO A 279 24.55 -22.89 6.42
CA PRO A 279 25.59 -21.98 6.89
C PRO A 279 26.93 -22.69 7.07
N GLY A 280 28.01 -21.98 6.72
CA GLY A 280 29.34 -22.54 6.72
C GLY A 280 29.80 -23.10 5.40
N ASP A 281 28.91 -23.18 4.40
CA ASP A 281 29.29 -23.72 3.10
C ASP A 281 30.16 -22.72 2.34
N LEU A 282 31.09 -23.24 1.56
CA LEU A 282 31.92 -22.45 0.67
C LEU A 282 31.29 -22.45 -0.71
N VAL A 283 30.95 -21.27 -1.22
CA VAL A 283 30.16 -21.13 -2.44
C VAL A 283 30.94 -20.26 -3.42
N SER A 284 31.03 -20.71 -4.67
CA SER A 284 31.62 -19.90 -5.74
C SER A 284 30.51 -19.13 -6.44
N VAL A 285 30.54 -17.81 -6.32
CA VAL A 285 29.53 -16.93 -6.90
C VAL A 285 30.04 -16.38 -8.23
N THR A 286 29.18 -16.44 -9.24
CA THR A 286 29.50 -15.91 -10.57
C THR A 286 28.42 -14.93 -11.01
N ARG A 287 28.41 -14.55 -12.29
CA ARG A 287 27.39 -13.65 -12.81
C ARG A 287 26.01 -14.26 -12.67
N THR A 288 25.07 -13.48 -12.18
CA THR A 288 23.71 -13.96 -11.99
C THR A 288 22.95 -13.94 -13.32
N LYS A 289 21.85 -14.70 -13.35
CA LYS A 289 21.03 -14.81 -14.54
C LYS A 289 19.97 -13.71 -14.53
N GLU A 290 19.01 -13.82 -15.44
CA GLU A 290 17.94 -12.83 -15.52
C GLU A 290 16.87 -13.12 -14.47
N ASP A 291 16.42 -12.06 -13.79
CA ASP A 291 15.34 -12.13 -12.79
C ASP A 291 15.64 -13.15 -11.69
N SER A 292 16.90 -13.21 -11.27
CA SER A 292 17.32 -14.15 -10.22
C SER A 292 18.49 -13.54 -9.47
N GLY A 293 18.29 -13.26 -8.19
CA GLY A 293 19.33 -12.69 -7.35
C GLY A 293 20.15 -13.75 -6.65
N VAL A 294 21.02 -13.28 -5.75
CA VAL A 294 21.82 -14.18 -4.93
C VAL A 294 20.90 -14.88 -3.93
N ALA A 295 21.07 -16.19 -3.80
CA ALA A 295 20.12 -17.01 -3.07
C ALA A 295 20.22 -16.86 -1.55
N CYS A 296 21.35 -16.39 -1.03
CA CYS A 296 21.56 -16.39 0.41
C CYS A 296 22.51 -15.28 0.80
N ASP A 297 22.52 -14.96 2.09
CA ASP A 297 23.42 -13.95 2.64
C ASP A 297 24.84 -14.51 2.69
N MET A 298 25.75 -13.88 1.95
CA MET A 298 27.11 -14.37 1.82
C MET A 298 28.10 -13.25 2.13
N ILE A 299 29.28 -13.65 2.59
CA ILE A 299 30.40 -12.73 2.82
C ILE A 299 31.55 -13.18 1.92
N LEU A 300 32.07 -12.25 1.13
CA LEU A 300 33.14 -12.59 0.20
C LEU A 300 34.44 -12.86 0.94
N VAL A 301 35.26 -13.72 0.37
CA VAL A 301 36.53 -14.10 0.97
C VAL A 301 37.64 -13.87 -0.05
N GLU A 302 37.26 -13.87 -1.33
CA GLU A 302 38.24 -13.76 -2.40
C GLU A 302 37.56 -13.16 -3.62
N GLY A 303 38.33 -12.39 -4.40
CA GLY A 303 37.82 -11.76 -5.59
C GLY A 303 37.02 -10.52 -5.28
N THR A 304 36.70 -9.78 -6.35
CA THR A 304 35.89 -8.56 -6.24
C THR A 304 34.68 -8.69 -7.16
N ALA A 305 33.57 -8.14 -6.70
CA ALA A 305 32.31 -8.21 -7.44
C ALA A 305 31.67 -6.83 -7.52
N ILE A 306 31.08 -6.55 -8.67
CA ILE A 306 30.31 -5.33 -8.90
C ILE A 306 28.85 -5.75 -8.93
N VAL A 307 28.08 -5.30 -7.94
CA VAL A 307 26.70 -5.74 -7.76
C VAL A 307 25.77 -4.56 -7.97
N ASN A 308 24.48 -4.84 -7.91
CA ASN A 308 23.42 -3.86 -8.15
C ASN A 308 22.46 -3.88 -6.97
N GLU A 309 22.73 -3.06 -5.96
CA GLU A 309 21.89 -3.00 -4.76
C GLU A 309 20.62 -2.22 -5.10
N ALA A 310 19.68 -2.92 -5.74
CA ALA A 310 18.44 -2.33 -6.19
C ALA A 310 17.26 -2.60 -5.27
N MET A 311 17.47 -3.32 -4.17
CA MET A 311 16.38 -3.66 -3.26
C MET A 311 16.59 -3.15 -1.85
N LEU A 312 17.74 -2.54 -1.55
CA LEU A 312 17.98 -1.89 -0.27
C LEU A 312 18.18 -0.40 -0.41
N SER A 313 19.12 0.02 -1.26
CA SER A 313 19.33 1.45 -1.49
C SER A 313 18.25 2.04 -2.38
N GLY A 314 17.64 1.24 -3.25
CA GLY A 314 16.66 1.70 -4.20
C GLY A 314 17.25 2.15 -5.54
N GLU A 315 18.47 2.68 -5.52
CA GLU A 315 19.14 3.11 -6.74
C GLU A 315 19.66 1.90 -7.52
N SER A 316 20.03 2.15 -8.78
CA SER A 316 20.59 1.12 -9.64
C SER A 316 22.04 1.38 -9.99
N THR A 317 22.69 2.34 -9.34
CA THR A 317 24.10 2.59 -9.60
C THR A 317 24.93 1.45 -9.02
N PRO A 318 25.80 0.82 -9.81
CA PRO A 318 26.56 -0.33 -9.31
C PRO A 318 27.54 0.06 -8.22
N LEU A 319 27.73 -0.87 -7.27
CA LEU A 319 28.67 -0.72 -6.18
C LEU A 319 29.96 -1.48 -6.51
N LEU A 320 30.88 -1.54 -5.55
CA LEU A 320 32.13 -2.27 -5.70
C LEU A 320 32.41 -3.00 -4.39
N LYS A 321 31.94 -4.24 -4.29
CA LYS A 321 32.22 -5.05 -3.12
C LYS A 321 33.63 -5.61 -3.17
N ASP A 322 34.27 -5.68 -2.01
CA ASP A 322 35.64 -6.15 -1.90
C ASP A 322 35.72 -7.30 -0.90
N SER A 323 36.79 -8.08 -1.01
CA SER A 323 36.98 -9.25 -0.18
C SER A 323 37.52 -8.85 1.19
N ILE A 324 37.91 -9.84 2.00
CA ILE A 324 38.45 -9.62 3.32
C ILE A 324 39.86 -10.20 3.46
N GLN A 325 40.52 -10.48 2.34
CA GLN A 325 41.88 -11.00 2.40
C GLN A 325 42.85 -9.94 2.91
N LEU A 326 42.66 -8.69 2.52
CA LEU A 326 43.57 -7.62 2.93
C LEU A 326 43.48 -7.31 4.41
N ARG A 327 42.35 -7.59 5.05
CA ARG A 327 42.24 -7.35 6.48
C ARG A 327 43.07 -8.39 7.24
N PRO A 328 43.80 -7.96 8.27
CA PRO A 328 44.65 -8.90 9.02
C PRO A 328 43.82 -9.82 9.90
N GLY A 329 44.46 -10.91 10.33
CA GLY A 329 43.80 -11.84 11.21
C GLY A 329 43.68 -11.31 12.62
N ASP A 330 42.91 -12.04 13.43
CA ASP A 330 42.61 -11.67 14.82
C ASP A 330 41.99 -10.28 14.91
N ALA A 331 41.01 -10.01 14.05
CA ALA A 331 40.32 -8.73 14.01
C ALA A 331 38.83 -8.95 14.20
N VAL A 332 38.19 -7.99 14.88
CA VAL A 332 36.75 -8.07 15.12
C VAL A 332 36.00 -7.77 13.83
N LEU A 333 34.96 -8.57 13.57
CA LEU A 333 34.12 -8.39 12.39
C LEU A 333 32.88 -7.60 12.79
N GLU A 334 32.99 -6.27 12.71
CA GLU A 334 31.83 -5.40 12.89
C GLU A 334 31.19 -5.15 11.53
N VAL A 335 29.86 -5.03 11.52
CA VAL A 335 29.14 -4.97 10.25
C VAL A 335 28.74 -3.55 9.89
N ASP A 336 28.49 -2.69 10.89
CA ASP A 336 28.01 -1.34 10.61
C ASP A 336 29.07 -0.49 9.91
N GLY A 337 30.34 -0.72 10.18
CA GLY A 337 31.39 0.05 9.56
C GLY A 337 32.59 -0.82 9.21
N LEU A 338 33.33 -0.36 8.19
CA LEU A 338 34.62 -0.92 7.79
C LEU A 338 34.53 -2.32 7.20
N ASP A 339 33.35 -2.92 7.22
CA ASP A 339 33.15 -4.21 6.58
C ASP A 339 31.80 -4.36 5.89
N LYS A 340 30.97 -3.31 5.87
CA LYS A 340 29.72 -3.37 5.12
C LYS A 340 29.95 -3.34 3.61
N ASN A 341 31.18 -3.05 3.18
CA ASN A 341 31.55 -3.14 1.78
C ASN A 341 31.88 -4.57 1.36
N SER A 342 31.95 -5.50 2.30
CA SER A 342 32.25 -6.90 2.00
C SER A 342 31.05 -7.82 2.11
N LEU A 343 30.05 -7.45 2.89
CA LEU A 343 28.84 -8.26 2.99
C LEU A 343 28.08 -8.24 1.67
N LEU A 344 27.58 -9.39 1.27
CA LEU A 344 26.85 -9.56 0.01
C LEU A 344 25.44 -10.06 0.35
N TRP A 345 24.48 -9.15 0.37
CA TRP A 345 23.13 -9.49 0.76
C TRP A 345 22.44 -10.31 -0.32
N GLY A 346 21.48 -11.13 0.12
CA GLY A 346 20.69 -11.91 -0.82
C GLY A 346 19.61 -11.09 -1.49
N GLY A 347 19.19 -11.55 -2.66
CA GLY A 347 18.18 -10.88 -3.43
C GLY A 347 18.67 -9.82 -4.38
N THR A 348 19.97 -9.54 -4.40
CA THR A 348 20.56 -8.57 -5.31
C THR A 348 21.24 -9.27 -6.48
N LYS A 349 21.49 -8.52 -7.54
CA LYS A 349 22.05 -9.07 -8.78
C LYS A 349 23.53 -8.72 -8.87
N VAL A 350 24.34 -9.72 -9.19
CA VAL A 350 25.78 -9.53 -9.36
C VAL A 350 26.02 -9.17 -10.83
N LEU A 351 26.32 -7.90 -11.08
CA LEU A 351 26.51 -7.43 -12.45
C LEU A 351 27.78 -8.00 -13.07
N GLN A 352 28.89 -7.93 -12.34
CA GLN A 352 30.17 -8.38 -12.87
C GLN A 352 31.03 -8.99 -11.77
N ILE A 353 31.94 -9.86 -12.18
CA ILE A 353 32.85 -10.56 -11.27
C ILE A 353 34.26 -10.48 -11.85
N THR A 354 35.24 -10.15 -11.01
CA THR A 354 36.61 -10.10 -11.48
C THR A 354 37.57 -10.41 -10.34
N HIS A 355 38.77 -10.84 -10.69
CA HIS A 355 39.81 -11.19 -9.73
C HIS A 355 40.88 -10.11 -9.60
N GLY A 356 40.78 -9.03 -10.36
CA GLY A 356 41.76 -7.96 -10.30
C GLY A 356 41.70 -7.13 -9.03
N PRO A 365 44.60 -17.58 -2.49
CA PRO A 365 44.63 -18.93 -1.92
C PRO A 365 45.07 -18.91 -0.46
N ALA A 366 44.32 -18.20 0.39
CA ALA A 366 44.67 -18.12 1.81
C ALA A 366 44.49 -19.46 2.50
N SER A 367 43.43 -20.19 2.16
CA SER A 367 43.14 -21.47 2.78
C SER A 367 43.67 -22.66 1.99
N GLY A 368 44.41 -22.42 0.92
CA GLY A 368 44.92 -23.50 0.10
C GLY A 368 43.84 -24.28 -0.64
N ILE A 369 42.83 -23.59 -1.14
CA ILE A 369 41.71 -24.22 -1.83
C ILE A 369 41.92 -24.05 -3.33
N PRO A 370 41.74 -25.11 -4.13
CA PRO A 370 41.84 -24.95 -5.57
C PRO A 370 40.74 -24.05 -6.09
N PRO A 371 40.99 -23.32 -7.17
CA PRO A 371 39.97 -22.43 -7.71
C PRO A 371 38.81 -23.21 -8.29
N PRO A 372 37.60 -22.65 -8.27
CA PRO A 372 36.46 -23.38 -8.82
C PRO A 372 36.56 -23.49 -10.34
N PRO A 373 35.99 -24.55 -10.93
CA PRO A 373 36.04 -24.68 -12.39
C PRO A 373 35.35 -23.54 -13.14
N ASP A 374 34.29 -22.94 -12.58
CA ASP A 374 33.60 -21.86 -13.28
C ASP A 374 34.27 -20.51 -13.09
N ASN A 375 35.33 -20.43 -12.30
CA ASN A 375 36.15 -19.22 -12.11
C ASN A 375 35.31 -18.05 -11.57
N GLY A 376 34.73 -18.27 -10.39
CA GLY A 376 33.99 -17.27 -9.68
C GLY A 376 34.74 -16.72 -8.48
N ALA A 377 33.98 -16.20 -7.53
CA ALA A 377 34.53 -15.71 -6.28
C ALA A 377 34.16 -16.65 -5.14
N MET A 378 35.14 -17.04 -4.34
CA MET A 378 34.85 -17.86 -3.16
C MET A 378 34.22 -16.99 -2.08
N ALA A 379 33.21 -17.52 -1.42
CA ALA A 379 32.52 -16.80 -0.36
C ALA A 379 31.93 -17.79 0.62
N VAL A 380 31.56 -17.27 1.80
CA VAL A 380 31.00 -18.07 2.87
C VAL A 380 29.58 -17.61 3.14
N VAL A 381 28.63 -18.54 3.12
CA VAL A 381 27.24 -18.21 3.41
C VAL A 381 27.05 -18.18 4.93
N THR A 382 26.40 -17.12 5.42
CA THR A 382 26.20 -16.94 6.85
C THR A 382 24.77 -17.20 7.28
N LYS A 383 23.79 -16.54 6.68
CA LYS A 383 22.40 -16.69 7.04
C LYS A 383 21.61 -17.16 5.83
N THR A 384 20.69 -18.10 6.04
CA THR A 384 19.91 -18.67 4.96
C THR A 384 18.52 -18.99 5.46
N GLY A 385 17.58 -19.07 4.52
CA GLY A 385 16.19 -19.34 4.83
C GLY A 385 15.35 -18.09 4.93
N PHE A 386 14.49 -18.03 5.95
CA PHE A 386 13.65 -16.86 6.18
C PHE A 386 14.33 -15.80 7.03
N GLU A 387 15.57 -16.04 7.46
CA GLU A 387 16.28 -15.11 8.32
C GLU A 387 17.22 -14.18 7.57
N THR A 388 17.17 -14.19 6.24
CA THR A 388 18.00 -13.29 5.43
C THR A 388 17.41 -11.90 5.45
N SER A 389 18.00 -10.97 4.69
CA SER A 389 17.48 -9.62 4.63
C SER A 389 16.17 -9.55 3.84
N GLN A 390 16.01 -10.40 2.83
CA GLN A 390 14.78 -10.43 2.07
C GLN A 390 13.74 -11.37 2.67
N GLY A 391 14.14 -12.25 3.58
CA GLY A 391 13.16 -13.04 4.30
C GLY A 391 12.24 -12.20 5.15
N SER A 392 12.80 -11.18 5.82
CA SER A 392 11.98 -10.25 6.59
C SER A 392 11.08 -9.44 5.67
N LEU A 393 11.57 -9.10 4.48
CA LEU A 393 10.74 -8.39 3.51
C LEU A 393 9.55 -9.23 3.09
N VAL A 394 9.77 -10.51 2.81
CA VAL A 394 8.67 -11.40 2.41
C VAL A 394 7.70 -11.60 3.57
N ARG A 395 8.23 -11.72 4.80
CA ARG A 395 7.37 -11.87 5.97
C ARG A 395 6.51 -10.64 6.18
N THR A 396 7.04 -9.45 5.91
CA THR A 396 6.22 -8.25 5.95
C THR A 396 5.28 -8.13 4.76
N MET A 397 5.59 -8.81 3.65
CA MET A 397 4.63 -8.86 2.55
C MET A 397 3.39 -9.65 2.94
N ILE A 398 3.58 -10.85 3.48
CA ILE A 398 2.48 -11.78 3.60
C ILE A 398 1.67 -11.53 4.88
N TYR A 399 2.29 -11.65 6.05
CA TYR A 399 1.59 -11.54 7.32
C TYR A 399 2.01 -10.23 8.00
N SER A 400 1.31 -9.15 7.68
CA SER A 400 1.59 -7.89 8.37
C SER A 400 0.32 -7.15 8.79
N THR A 401 -0.78 -7.33 8.06
CA THR A 401 -1.99 -6.55 8.28
C THR A 401 -3.19 -7.33 7.78
N GLU A 402 -4.23 -7.37 8.61
CA GLU A 402 -5.46 -8.08 8.28
C GLU A 402 -6.25 -7.31 7.21
N ARG A 403 -7.19 -8.02 6.59
CA ARG A 403 -8.10 -7.40 5.64
C ARG A 403 -9.15 -6.56 6.38
N VAL A 404 -9.79 -5.66 5.62
CA VAL A 404 -10.73 -4.71 6.23
C VAL A 404 -12.16 -5.23 6.20
N SER A 405 -12.60 -5.77 5.05
CA SER A 405 -13.86 -6.50 4.89
C SER A 405 -15.12 -5.73 5.26
N ALA A 406 -15.00 -4.41 5.46
CA ALA A 406 -16.13 -3.53 5.79
C ALA A 406 -16.91 -4.00 7.02
N ASN A 407 -16.19 -4.30 8.09
CA ASN A 407 -16.79 -4.70 9.36
C ASN A 407 -16.29 -3.80 10.48
N ASN A 408 -16.26 -2.49 10.24
CA ASN A 408 -15.75 -1.54 11.20
C ASN A 408 -16.72 -1.39 12.38
N THR A 409 -16.22 -0.79 13.46
CA THR A 409 -17.03 -0.59 14.66
C THR A 409 -18.16 0.40 14.45
N GLU A 410 -18.04 1.30 13.48
CA GLU A 410 -19.11 2.26 13.21
C GLU A 410 -20.37 1.55 12.73
N ALA A 411 -20.21 0.50 11.92
CA ALA A 411 -21.36 -0.28 11.47
C ALA A 411 -22.05 -0.98 12.64
N LEU A 412 -21.25 -1.53 13.56
CA LEU A 412 -21.83 -2.19 14.73
C LEU A 412 -22.58 -1.20 15.62
N LEU A 413 -22.00 -0.02 15.83
CA LEU A 413 -22.68 1.02 16.61
C LEU A 413 -23.97 1.46 15.93
N PHE A 414 -23.94 1.58 14.60
CA PHE A 414 -25.12 1.96 13.84
C PHE A 414 -26.22 0.91 13.98
N ILE A 415 -25.86 -0.37 13.87
CA ILE A 415 -26.84 -1.44 13.99
C ILE A 415 -27.44 -1.46 15.40
N LEU A 416 -26.61 -1.27 16.42
CA LEU A 416 -27.13 -1.22 17.80
C LEU A 416 -28.05 -0.02 18.00
N PHE A 417 -27.69 1.12 17.40
CA PHE A 417 -28.50 2.33 17.54
C PHE A 417 -29.87 2.15 16.91
N LEU A 418 -29.94 1.43 15.78
CA LEU A 418 -31.24 1.12 15.21
C LEU A 418 -31.98 0.05 16.03
N LEU A 419 -31.25 -0.92 16.58
CA LEU A 419 -31.87 -2.01 17.31
C LEU A 419 -32.52 -1.52 18.60
N VAL A 420 -32.01 -0.42 19.16
CA VAL A 420 -32.65 0.16 20.34
C VAL A 420 -34.09 0.57 20.02
N PHE A 421 -34.28 1.31 18.93
CA PHE A 421 -35.62 1.72 18.53
C PHE A 421 -36.48 0.52 18.14
N ALA A 422 -35.87 -0.47 17.49
CA ALA A 422 -36.60 -1.68 17.13
C ALA A 422 -37.15 -2.39 18.37
N LEU A 423 -36.31 -2.52 19.41
CA LEU A 423 -36.74 -3.17 20.64
C LEU A 423 -37.80 -2.36 21.35
N ALA A 424 -37.68 -1.02 21.32
CA ALA A 424 -38.72 -0.19 21.93
C ALA A 424 -40.07 -0.37 21.25
N ALA A 425 -40.08 -0.39 19.90
CA ALA A 425 -41.33 -0.59 19.18
C ALA A 425 -41.92 -1.97 19.45
N SER A 426 -41.07 -3.00 19.49
CA SER A 426 -41.55 -4.34 19.77
C SER A 426 -42.13 -4.44 21.18
N TRP A 427 -41.50 -3.76 22.15
CA TRP A 427 -42.01 -3.73 23.51
C TRP A 427 -43.38 -3.07 23.58
N TYR A 428 -43.54 -1.95 22.85
CA TYR A 428 -44.85 -1.27 22.82
C TYR A 428 -45.92 -2.19 22.24
N VAL A 429 -45.61 -2.85 21.11
CA VAL A 429 -46.58 -3.73 20.48
C VAL A 429 -46.94 -4.90 21.39
N TRP A 430 -45.94 -5.50 22.04
CA TRP A 430 -46.20 -6.64 22.93
C TRP A 430 -47.01 -6.23 24.14
N ASP A 431 -46.75 -5.04 24.70
CA ASP A 431 -47.55 -4.57 25.83
C ASP A 431 -49.00 -4.37 25.44
N GLU A 432 -49.25 -3.76 24.28
CA GLU A 432 -50.64 -3.60 23.84
C GLU A 432 -51.28 -4.96 23.59
N GLY A 433 -50.53 -5.90 23.01
CA GLY A 433 -51.10 -7.21 22.74
C GLY A 433 -51.45 -7.99 23.99
N VAL A 434 -50.60 -7.92 25.01
CA VAL A 434 -50.89 -8.65 26.24
C VAL A 434 -52.00 -7.96 27.01
N ARG A 435 -52.14 -6.64 26.86
CA ARG A 435 -53.27 -5.95 27.49
C ARG A 435 -54.59 -6.32 26.80
N LYS A 436 -54.56 -6.50 25.48
CA LYS A 436 -55.78 -6.83 24.76
C LYS A 436 -56.03 -8.33 24.63
N ASP A 437 -55.15 -9.16 25.19
CA ASP A 437 -55.34 -10.62 25.26
C ASP A 437 -55.52 -11.26 23.89
N ARG A 438 -54.66 -10.89 22.95
CA ARG A 438 -54.68 -11.51 21.64
C ARG A 438 -53.90 -12.83 21.65
N LYS A 439 -53.90 -13.50 20.51
CA LYS A 439 -53.18 -14.77 20.39
C LYS A 439 -51.68 -14.51 20.38
N ARG A 440 -50.94 -15.38 21.08
CA ARG A 440 -49.50 -15.17 21.25
C ARG A 440 -48.73 -15.41 19.95
N SER A 441 -49.20 -16.34 19.12
CA SER A 441 -48.50 -16.63 17.87
C SER A 441 -48.52 -15.45 16.91
N LYS A 442 -49.69 -14.80 16.78
CA LYS A 442 -49.78 -13.62 15.93
C LYS A 442 -48.94 -12.47 16.47
N LEU A 443 -48.90 -12.33 17.80
CA LEU A 443 -48.07 -11.31 18.42
C LEU A 443 -46.59 -11.56 18.14
N LEU A 444 -46.17 -12.82 18.21
CA LEU A 444 -44.78 -13.16 17.90
C LEU A 444 -44.46 -12.90 16.43
N LEU A 445 -45.40 -13.21 15.54
CA LEU A 445 -45.24 -12.90 14.12
C LEU A 445 -45.05 -11.40 13.91
N ASP A 446 -45.91 -10.59 14.53
CA ASP A 446 -45.82 -9.14 14.38
C ASP A 446 -44.52 -8.60 14.96
N CYS A 447 -44.10 -9.10 16.13
CA CYS A 447 -42.88 -8.62 16.75
C CYS A 447 -41.65 -9.01 15.94
N ILE A 448 -41.66 -10.20 15.34
CA ILE A 448 -40.56 -10.60 14.45
C ILE A 448 -40.52 -9.69 13.24
N LEU A 449 -41.68 -9.34 12.70
CA LEU A 449 -41.72 -8.40 11.57
C LEU A 449 -41.17 -7.04 11.95
N ILE A 450 -41.53 -6.53 13.14
CA ILE A 450 -40.98 -5.26 13.61
C ILE A 450 -39.48 -5.34 13.77
N ILE A 451 -38.95 -6.41 14.36
CA ILE A 451 -37.52 -6.53 14.59
C ILE A 451 -36.75 -6.62 13.27
N THR A 452 -37.22 -7.43 12.33
CA THR A 452 -36.48 -7.58 11.08
C THR A 452 -36.78 -6.49 10.06
N SER A 453 -37.73 -5.60 10.32
CA SER A 453 -37.98 -4.49 9.39
C SER A 453 -37.23 -3.22 9.75
N VAL A 454 -36.79 -3.08 11.00
CA VAL A 454 -36.09 -1.86 11.40
C VAL A 454 -34.60 -1.96 11.11
N VAL A 455 -33.93 -2.96 11.67
CA VAL A 455 -32.52 -3.14 11.34
C VAL A 455 -32.41 -3.70 9.93
N PRO A 456 -31.65 -3.07 9.04
CA PRO A 456 -31.70 -3.43 7.63
C PRO A 456 -30.86 -4.67 7.33
N PRO A 457 -31.46 -5.71 6.76
CA PRO A 457 -30.67 -6.86 6.31
C PRO A 457 -30.06 -6.70 4.92
N GLU A 458 -30.21 -5.53 4.29
CA GLU A 458 -29.68 -5.28 2.96
C GLU A 458 -28.54 -4.28 2.95
N LEU A 459 -28.13 -3.77 4.12
CA LEU A 459 -27.04 -2.81 4.17
C LEU A 459 -25.70 -3.36 3.64
N PRO A 460 -25.24 -4.56 4.01
CA PRO A 460 -23.99 -5.06 3.40
C PRO A 460 -24.08 -5.22 1.90
N MET A 461 -25.23 -5.62 1.37
CA MET A 461 -25.40 -5.75 -0.07
C MET A 461 -25.24 -4.40 -0.76
N GLU A 462 -25.86 -3.36 -0.18
CA GLU A 462 -25.76 -2.03 -0.77
C GLU A 462 -24.35 -1.48 -0.69
N LEU A 463 -23.66 -1.71 0.42
CA LEU A 463 -22.27 -1.27 0.54
C LEU A 463 -21.38 -1.98 -0.47
N SER A 464 -21.56 -3.30 -0.62
CA SER A 464 -20.77 -4.06 -1.57
C SER A 464 -21.02 -3.59 -2.99
N LEU A 465 -22.27 -3.30 -3.34
CA LEU A 465 -22.57 -2.78 -4.68
C LEU A 465 -21.93 -1.41 -4.89
N ALA A 466 -22.03 -0.52 -3.89
CA ALA A 466 -21.49 0.83 -4.03
C ALA A 466 -19.97 0.84 -4.09
N VAL A 467 -19.31 -0.19 -3.57
CA VAL A 467 -17.85 -0.27 -3.70
C VAL A 467 -17.45 -0.98 -5.00
N ASN A 468 -18.17 -2.02 -5.40
CA ASN A 468 -17.85 -2.71 -6.64
C ASN A 468 -18.08 -1.85 -7.88
N THR A 469 -19.06 -0.94 -7.85
CA THR A 469 -19.19 -0.03 -8.98
C THR A 469 -18.00 0.92 -9.08
N SER A 470 -17.44 1.34 -7.95
CA SER A 470 -16.22 2.13 -7.97
C SER A 470 -15.04 1.32 -8.48
N LEU A 471 -14.99 0.03 -8.15
CA LEU A 471 -13.95 -0.84 -8.71
C LEU A 471 -14.06 -0.92 -10.23
N SER A 472 -15.27 -1.10 -10.73
CA SER A 472 -15.47 -1.18 -12.18
C SER A 472 -15.16 0.15 -12.86
N ALA A 473 -15.40 1.26 -12.18
CA ALA A 473 -15.02 2.56 -12.74
C ALA A 473 -13.51 2.74 -12.74
N LEU A 474 -12.83 2.28 -11.68
CA LEU A 474 -11.38 2.43 -11.60
C LEU A 474 -10.66 1.53 -12.58
N ALA A 475 -11.28 0.43 -13.01
CA ALA A 475 -10.63 -0.47 -13.94
C ALA A 475 -10.37 0.14 -15.31
N LYS A 476 -10.97 1.30 -15.63
CA LYS A 476 -10.76 1.91 -16.94
C LYS A 476 -9.35 2.47 -17.08
N PHE A 477 -8.81 3.07 -16.02
CA PHE A 477 -7.49 3.70 -16.07
C PHE A 477 -6.37 2.72 -15.72
N ALA A 478 -6.58 1.42 -15.94
CA ALA A 478 -5.63 0.34 -15.73
C ALA A 478 -5.22 0.17 -14.27
N ILE A 479 -5.97 0.75 -13.33
CA ILE A 479 -5.72 0.51 -11.91
C ILE A 479 -6.51 -0.71 -11.48
N PHE A 480 -5.82 -1.71 -10.95
CA PHE A 480 -6.43 -2.93 -10.45
C PHE A 480 -6.23 -3.02 -8.94
N CYS A 481 -7.26 -3.47 -8.25
CA CYS A 481 -7.25 -3.48 -6.79
C CYS A 481 -7.62 -4.86 -6.27
N THR A 482 -7.06 -5.20 -5.11
CA THR A 482 -7.31 -6.51 -4.50
C THR A 482 -8.20 -6.44 -3.26
N GLU A 483 -8.17 -5.33 -2.53
CA GLU A 483 -9.04 -5.14 -1.36
C GLU A 483 -9.99 -4.01 -1.65
N PRO A 484 -11.23 -4.31 -2.09
CA PRO A 484 -12.13 -3.25 -2.57
C PRO A 484 -12.53 -2.25 -1.51
N PHE A 485 -12.63 -2.65 -0.25
CA PHE A 485 -13.19 -1.78 0.79
C PHE A 485 -12.18 -0.80 1.36
N ARG A 486 -11.04 -0.59 0.71
CA ARG A 486 -10.12 0.47 1.09
C ARG A 486 -10.31 1.73 0.28
N ILE A 487 -11.20 1.71 -0.72
CA ILE A 487 -11.50 2.92 -1.48
C ILE A 487 -12.10 4.03 -0.63
N PRO A 488 -13.04 3.77 0.30
CA PRO A 488 -13.51 4.87 1.17
C PRO A 488 -12.42 5.51 2.03
N PHE A 489 -11.32 4.79 2.30
CA PHE A 489 -10.20 5.41 3.01
C PHE A 489 -9.53 6.49 2.18
N ALA A 490 -9.61 6.40 0.85
CA ALA A 490 -8.96 7.38 -0.01
C ALA A 490 -9.66 8.73 0.00
N GLY A 491 -10.91 8.80 0.48
CA GLY A 491 -11.60 10.08 0.54
C GLY A 491 -10.99 11.04 1.54
N ARG A 492 -10.58 10.52 2.70
CA ARG A 492 -10.03 11.33 3.79
C ARG A 492 -8.54 11.00 3.91
N ILE A 493 -7.72 11.73 3.17
CA ILE A 493 -6.27 11.57 3.18
C ILE A 493 -5.66 12.88 3.64
N ASP A 494 -4.80 12.82 4.65
CA ASP A 494 -4.18 14.01 5.21
C ASP A 494 -2.72 14.19 4.84
N VAL A 495 -2.00 13.10 4.59
CA VAL A 495 -0.63 13.16 4.11
C VAL A 495 -0.46 12.14 3.00
N ALA A 496 0.27 12.52 1.96
CA ALA A 496 0.54 11.63 0.83
C ALA A 496 2.05 11.46 0.72
N CYS A 497 2.53 10.25 0.98
CA CYS A 497 3.95 9.97 0.86
C CYS A 497 4.29 9.58 -0.57
N PHE A 498 5.54 9.81 -0.94
CA PHE A 498 5.99 9.52 -2.30
C PHE A 498 7.41 8.99 -2.27
N ASP A 499 7.73 8.12 -3.23
CA ASP A 499 9.10 7.71 -3.45
C ASP A 499 9.79 8.72 -4.37
N LYS A 500 11.05 8.46 -4.71
CA LYS A 500 11.78 9.36 -5.59
C LYS A 500 12.23 8.68 -6.87
N THR A 501 12.85 7.51 -6.79
CA THR A 501 13.30 6.77 -7.96
C THR A 501 12.25 5.74 -8.34
N GLY A 502 11.80 5.79 -9.60
CA GLY A 502 10.79 4.91 -10.11
C GLY A 502 9.39 5.48 -10.06
N THR A 503 9.08 6.30 -9.04
CA THR A 503 7.76 6.90 -8.92
C THR A 503 7.70 8.28 -9.56
N LEU A 504 8.51 9.21 -9.05
CA LEU A 504 8.57 10.56 -9.60
C LEU A 504 9.69 10.73 -10.62
N THR A 505 10.57 9.74 -10.78
CA THR A 505 11.73 9.89 -11.63
C THR A 505 12.16 8.50 -12.11
N GLY A 506 12.51 8.38 -13.38
CA GLY A 506 12.91 7.09 -13.92
C GLY A 506 14.15 6.55 -13.24
N GLU A 507 14.20 5.23 -13.08
CA GLU A 507 15.24 4.62 -12.26
C GLU A 507 16.59 4.59 -12.96
N ASP A 508 16.61 4.59 -14.29
CA ASP A 508 17.87 4.50 -15.01
C ASP A 508 18.60 5.84 -15.00
N LEU A 509 19.93 5.77 -15.09
CA LEU A 509 20.77 6.95 -15.20
C LEU A 509 20.96 7.29 -16.67
N VAL A 510 20.63 8.52 -17.04
CA VAL A 510 20.79 8.98 -18.41
C VAL A 510 21.85 10.08 -18.44
N VAL A 511 22.52 10.18 -19.58
CA VAL A 511 23.58 11.17 -19.77
C VAL A 511 22.92 12.51 -20.12
N GLU A 512 23.05 13.49 -19.24
CA GLU A 512 22.47 14.80 -19.54
C GLU A 512 23.25 15.48 -20.66
N GLY A 513 24.55 15.22 -20.75
CA GLY A 513 25.38 15.79 -21.78
C GLY A 513 26.78 16.11 -21.28
N ILE A 514 27.55 16.82 -22.08
CA ILE A 514 28.90 17.24 -21.69
C ILE A 514 28.85 18.71 -21.27
N ALA A 515 29.33 18.99 -20.06
CA ALA A 515 29.32 20.33 -19.50
C ALA A 515 30.75 20.80 -19.25
N GLY A 516 30.90 22.10 -19.15
CA GLY A 516 32.22 22.68 -18.91
C GLY A 516 33.13 22.67 -20.11
N LEU A 517 32.60 22.55 -21.32
CA LEU A 517 33.43 22.59 -22.51
C LEU A 517 34.00 23.97 -22.77
N GLY A 518 33.40 25.02 -22.23
CA GLY A 518 33.85 26.38 -22.40
C GLY A 518 34.89 26.84 -21.39
N LEU A 519 35.39 25.94 -20.55
CA LEU A 519 36.41 26.31 -19.58
C LEU A 519 37.74 26.60 -20.27
N GLY A 520 38.56 27.42 -19.63
CA GLY A 520 39.81 27.85 -20.20
C GLY A 520 39.64 29.10 -21.04
N HIS A 521 39.53 28.94 -22.36
CA HIS A 521 39.27 30.07 -23.24
C HIS A 521 37.83 30.55 -23.04
N SER A 522 37.66 31.85 -22.89
CA SER A 522 36.35 32.44 -22.62
C SER A 522 35.83 33.11 -23.88
N GLY A 523 34.61 32.75 -24.28
CA GLY A 523 33.96 33.33 -25.43
C GLY A 523 33.13 34.56 -25.14
N THR A 524 33.14 35.04 -23.89
CA THR A 524 32.41 36.21 -23.41
C THR A 524 30.91 36.13 -23.66
N ASP A 525 30.34 34.93 -23.75
CA ASP A 525 28.91 34.75 -23.92
C ASP A 525 28.37 33.58 -23.10
N THR A 526 29.21 32.94 -22.30
CA THR A 526 28.78 31.80 -21.50
C THR A 526 27.89 32.27 -20.35
N PRO A 527 26.71 31.68 -20.17
CA PRO A 527 25.88 32.05 -19.01
C PRO A 527 26.49 31.60 -17.70
N LYS A 528 26.88 32.56 -16.87
CA LYS A 528 27.57 32.30 -15.61
C LYS A 528 26.62 32.55 -14.44
N GLU A 529 27.14 32.34 -13.23
CA GLU A 529 26.42 32.58 -11.99
C GLU A 529 27.16 33.62 -11.16
N ALA A 530 26.71 33.80 -9.92
CA ALA A 530 27.36 34.76 -9.02
C ALA A 530 28.78 34.33 -8.70
N ASP A 531 29.01 33.03 -8.52
CA ASP A 531 30.33 32.50 -8.22
C ASP A 531 31.13 32.16 -9.47
N GLY A 532 30.65 32.58 -10.65
CA GLY A 532 31.38 32.37 -11.88
C GLY A 532 31.54 30.93 -12.33
N ALA A 533 30.45 30.16 -12.26
CA ALA A 533 30.44 28.78 -12.69
C ALA A 533 29.75 28.65 -14.04
N HIS A 534 30.38 27.96 -14.98
CA HIS A 534 29.82 27.78 -16.32
C HIS A 534 28.66 26.79 -16.26
N THR A 535 27.54 27.16 -16.87
CA THR A 535 26.32 26.35 -16.82
C THR A 535 25.86 25.88 -18.20
N ARG A 536 26.69 26.03 -19.23
CA ARG A 536 26.28 25.58 -20.56
C ARG A 536 26.21 24.07 -20.61
N MET A 537 25.17 23.55 -21.26
CA MET A 537 24.94 22.11 -21.39
C MET A 537 25.04 21.75 -22.86
N VAL A 538 26.15 21.11 -23.24
CA VAL A 538 26.37 20.68 -24.61
C VAL A 538 25.99 19.20 -24.71
N SER A 539 25.18 18.87 -25.71
CA SER A 539 24.76 17.49 -25.91
C SER A 539 25.95 16.62 -26.33
N VAL A 540 25.88 15.34 -25.94
CA VAL A 540 26.95 14.41 -26.29
C VAL A 540 26.98 14.12 -27.78
N HIS A 541 25.90 14.41 -28.51
CA HIS A 541 25.89 14.21 -29.95
C HIS A 541 26.84 15.15 -30.65
N ASP A 542 26.92 16.40 -30.20
CA ASP A 542 27.78 17.42 -30.78
C ASP A 542 28.93 17.70 -29.81
N ALA A 543 30.11 17.19 -30.12
CA ALA A 543 31.24 17.31 -29.21
C ALA A 543 32.53 17.27 -30.02
N GLY A 544 33.63 17.65 -29.37
CA GLY A 544 34.93 17.65 -30.01
C GLY A 544 35.51 16.26 -30.16
N MET A 545 36.64 16.20 -30.86
CA MET A 545 37.27 14.91 -31.16
C MET A 545 37.86 14.28 -29.90
N GLU A 546 38.58 15.08 -29.10
CA GLU A 546 39.27 14.53 -27.95
C GLU A 546 38.29 13.99 -26.90
N THR A 547 37.21 14.74 -26.64
CA THR A 547 36.26 14.31 -25.63
C THR A 547 35.52 13.04 -26.06
N THR A 548 35.15 12.94 -27.34
CA THR A 548 34.46 11.73 -27.78
C THR A 548 35.40 10.54 -27.86
N LEU A 549 36.69 10.77 -28.15
CA LEU A 549 37.65 9.67 -28.12
C LEU A 549 37.90 9.18 -26.70
N VAL A 550 37.96 10.10 -25.75
CA VAL A 550 38.06 9.70 -24.34
C VAL A 550 36.82 8.93 -23.91
N LEU A 551 35.64 9.42 -24.30
CA LEU A 551 34.40 8.75 -23.94
C LEU A 551 34.29 7.36 -24.57
N ALA A 552 34.91 7.16 -25.74
CA ALA A 552 34.87 5.86 -26.40
C ALA A 552 36.05 4.96 -26.05
N THR A 553 37.06 5.46 -25.32
CA THR A 553 38.22 4.66 -24.97
C THR A 553 38.39 4.39 -23.49
N ALA A 554 37.82 5.21 -22.62
CA ALA A 554 38.01 5.05 -21.18
C ALA A 554 37.11 4.00 -20.56
N HIS A 555 36.20 3.40 -21.33
CA HIS A 555 35.26 2.44 -20.79
C HIS A 555 35.96 1.13 -20.45
N ALA A 556 35.28 0.30 -19.65
CA ALA A 556 35.75 -1.03 -19.28
C ALA A 556 34.66 -2.03 -19.67
N LEU A 557 34.70 -2.48 -20.91
CA LEU A 557 33.71 -3.41 -21.44
C LEU A 557 34.41 -4.65 -21.98
N VAL A 558 33.81 -5.82 -21.74
CA VAL A 558 34.36 -7.11 -22.14
C VAL A 558 33.36 -7.80 -23.05
N LYS A 559 33.84 -8.31 -24.17
CA LYS A 559 33.01 -9.06 -25.11
C LYS A 559 33.27 -10.56 -24.94
N LEU A 560 32.19 -11.34 -24.88
CA LEU A 560 32.29 -12.78 -24.70
C LEU A 560 32.48 -13.46 -26.06
N ASP A 561 32.36 -14.78 -26.07
CA ASP A 561 32.59 -15.54 -27.31
C ASP A 561 31.47 -15.31 -28.32
N GLU A 562 30.22 -15.34 -27.88
CA GLU A 562 29.11 -15.16 -28.80
C GLU A 562 29.02 -13.71 -29.28
N GLY A 563 29.22 -12.76 -28.38
CA GLY A 563 29.16 -11.36 -28.75
C GLY A 563 28.40 -10.49 -27.77
N GLU A 564 27.94 -11.08 -26.67
CA GLU A 564 27.25 -10.30 -25.65
C GLU A 564 28.24 -9.39 -24.93
N ILE A 565 27.73 -8.24 -24.50
CA ILE A 565 28.54 -7.22 -23.84
C ILE A 565 28.14 -7.15 -22.37
N VAL A 566 29.12 -7.26 -21.48
CA VAL A 566 28.89 -7.29 -20.05
C VAL A 566 29.59 -6.10 -19.42
N GLY A 567 28.87 -5.39 -18.56
CA GLY A 567 29.46 -4.27 -17.84
C GLY A 567 28.37 -3.38 -17.28
N ASP A 568 28.82 -2.23 -16.78
CA ASP A 568 27.91 -1.20 -16.29
C ASP A 568 27.08 -0.69 -17.46
N PRO A 569 25.75 -0.65 -17.36
CA PRO A 569 24.93 -0.17 -18.49
C PRO A 569 25.13 1.29 -18.84
N MET A 570 25.78 2.10 -17.99
CA MET A 570 25.92 3.52 -18.29
C MET A 570 26.83 3.77 -19.49
N GLU A 571 27.90 2.98 -19.66
CA GLU A 571 28.71 3.14 -20.86
C GLU A 571 28.02 2.56 -22.09
N LYS A 572 27.12 1.59 -21.91
CA LYS A 572 26.29 1.15 -23.03
C LYS A 572 25.36 2.25 -23.50
N ALA A 573 24.74 2.95 -22.54
CA ALA A 573 23.88 4.08 -22.87
C ALA A 573 24.66 5.26 -23.42
N THR A 574 25.94 5.38 -23.06
CA THR A 574 26.78 6.40 -23.68
C THR A 574 27.17 6.02 -25.10
N LEU A 575 27.50 4.74 -25.33
CA LEU A 575 27.98 4.31 -26.63
C LEU A 575 26.87 4.27 -27.67
N ASN A 576 25.68 3.79 -27.31
CA ASN A 576 24.60 3.74 -28.29
C ASN A 576 24.11 5.15 -28.64
N ALA A 577 24.22 6.09 -27.71
CA ALA A 577 23.96 7.49 -28.03
C ALA A 577 25.08 8.07 -28.88
N LEU A 578 26.32 7.63 -28.66
CA LEU A 578 27.44 8.08 -29.46
C LEU A 578 27.46 7.45 -30.84
N GLY A 579 26.75 6.35 -31.04
CA GLY A 579 26.70 5.67 -32.31
C GLY A 579 27.82 4.68 -32.57
N TRP A 580 28.76 4.55 -31.65
CA TRP A 580 29.87 3.62 -31.82
C TRP A 580 29.43 2.19 -31.55
N VAL A 581 30.25 1.24 -32.04
CA VAL A 581 30.01 -0.17 -31.84
C VAL A 581 31.35 -0.89 -31.86
N LEU A 582 31.52 -1.83 -30.94
CA LEU A 582 32.76 -2.59 -30.83
C LEU A 582 32.63 -3.92 -31.56
N GLY A 583 33.72 -4.38 -32.16
CA GLY A 583 33.76 -5.63 -32.87
C GLY A 583 34.16 -6.79 -31.99
N LYS A 584 34.33 -7.96 -32.62
CA LYS A 584 34.73 -9.16 -31.89
C LYS A 584 36.12 -8.99 -31.28
N ASN A 585 37.06 -8.42 -32.04
CA ASN A 585 38.36 -8.11 -31.49
C ASN A 585 38.25 -6.90 -30.56
N ASP A 586 39.34 -6.62 -29.85
CA ASP A 586 39.37 -5.48 -28.93
C ASP A 586 39.48 -4.17 -29.70
N THR A 587 38.46 -3.85 -30.50
CA THR A 587 38.44 -2.66 -31.35
C THR A 587 37.10 -1.95 -31.19
N LEU A 588 37.11 -0.65 -31.44
CA LEU A 588 35.89 0.16 -31.46
C LEU A 588 35.74 0.76 -32.85
N THR A 589 34.59 0.55 -33.48
CA THR A 589 34.32 1.01 -34.82
C THR A 589 33.18 2.02 -34.82
N SER A 590 33.07 2.76 -35.91
CA SER A 590 32.02 3.77 -36.06
C SER A 590 30.67 3.12 -36.30
N SER A 598 27.47 11.32 -33.08
CA SER A 598 27.98 10.84 -34.36
C SER A 598 28.91 11.86 -34.99
N GLY A 599 29.15 11.71 -36.30
CA GLY A 599 30.03 12.62 -36.99
C GLY A 599 31.50 12.44 -36.68
N ILE A 600 31.90 11.26 -36.22
CA ILE A 600 33.31 11.00 -35.90
C ILE A 600 33.95 10.25 -37.06
N LEU A 601 33.35 9.11 -37.44
CA LEU A 601 33.76 8.31 -38.59
C LEU A 601 35.22 7.86 -38.47
N GLY A 602 35.48 7.06 -37.43
CA GLY A 602 36.82 6.56 -37.20
C GLY A 602 36.78 5.26 -36.43
N THR A 603 37.98 4.70 -36.21
CA THR A 603 38.12 3.47 -35.47
C THR A 603 39.28 3.60 -34.49
N VAL A 604 39.25 2.75 -33.46
CA VAL A 604 40.28 2.76 -32.42
C VAL A 604 40.35 1.38 -31.80
N GLN A 605 41.57 0.86 -31.64
CA GLN A 605 41.82 -0.39 -30.93
C GLN A 605 42.63 -0.08 -29.69
N ILE A 606 42.24 -0.68 -28.57
CA ILE A 606 42.88 -0.43 -27.29
C ILE A 606 43.84 -1.57 -26.99
N LYS A 607 44.84 -1.27 -26.16
CA LYS A 607 45.89 -2.24 -25.82
C LYS A 607 45.93 -2.56 -24.34
N ARG A 608 46.04 -1.55 -23.47
CA ARG A 608 46.19 -1.76 -22.04
C ARG A 608 45.13 -0.98 -21.29
N ARG A 609 44.50 -1.63 -20.32
CA ARG A 609 43.48 -1.03 -19.47
C ARG A 609 43.94 -1.05 -18.02
N PHE A 610 43.50 -0.05 -17.26
CA PHE A 610 43.67 -0.03 -15.83
C PHE A 610 42.32 -0.35 -15.18
N GLN A 611 42.28 -0.35 -13.85
CA GLN A 611 41.08 -0.78 -13.12
C GLN A 611 40.65 0.30 -12.14
N PHE A 612 39.34 0.38 -11.94
CA PHE A 612 38.80 1.22 -10.88
C PHE A 612 39.18 0.64 -9.52
N SER A 613 39.80 1.46 -8.68
CA SER A 613 40.39 0.97 -7.44
C SER A 613 39.66 1.42 -6.19
N SER A 614 38.71 2.34 -6.31
CA SER A 614 37.95 2.93 -5.20
C SER A 614 38.81 3.67 -4.19
N ALA A 615 40.09 3.89 -4.49
CA ALA A 615 40.98 4.67 -3.66
C ALA A 615 41.66 5.74 -4.50
N LEU A 616 41.95 5.40 -5.76
CA LEU A 616 42.50 6.35 -6.71
C LEU A 616 41.43 6.99 -7.58
N LYS A 617 40.32 6.28 -7.84
CA LYS A 617 39.19 6.77 -8.64
C LYS A 617 39.65 7.23 -10.02
N ARG A 618 40.19 6.28 -10.80
CA ARG A 618 40.78 6.60 -12.09
C ARG A 618 40.69 5.37 -13.00
N GLN A 619 39.76 5.42 -13.96
CA GLN A 619 39.75 4.42 -15.01
C GLN A 619 40.50 4.97 -16.22
N SER A 620 41.64 4.35 -16.54
CA SER A 620 42.49 4.86 -17.60
C SER A 620 42.82 3.73 -18.56
N SER A 621 43.06 4.12 -19.82
CA SER A 621 43.37 3.14 -20.86
C SER A 621 44.27 3.79 -21.90
N VAL A 622 45.00 2.95 -22.61
CA VAL A 622 45.81 3.38 -23.75
C VAL A 622 45.27 2.74 -25.00
N ALA A 623 45.45 3.41 -26.14
CA ALA A 623 44.88 2.93 -27.39
C ALA A 623 45.61 3.58 -28.56
N THR A 624 45.33 3.07 -29.76
CA THR A 624 45.77 3.68 -31.00
C THR A 624 44.55 4.20 -31.75
N ILE A 625 44.58 5.47 -32.10
CA ILE A 625 43.42 6.17 -32.63
C ILE A 625 43.66 6.58 -34.07
N THR A 626 42.57 6.64 -34.83
CA THR A 626 42.53 7.31 -36.13
C THR A 626 41.10 7.82 -36.35
N ALA A 627 40.95 9.13 -36.45
CA ALA A 627 39.66 9.78 -36.58
C ALA A 627 39.71 10.83 -37.68
N THR A 628 38.59 10.95 -38.41
CA THR A 628 38.46 11.86 -39.54
C THR A 628 37.22 12.73 -39.29
N GLU A 629 37.43 13.93 -38.75
CA GLU A 629 36.32 14.84 -38.52
C GLU A 629 35.74 15.31 -39.84
N VAL A 630 34.42 15.47 -39.88
CA VAL A 630 33.70 15.73 -41.12
C VAL A 630 33.31 17.21 -41.25
N LYS A 631 32.95 17.85 -40.15
CA LYS A 631 32.49 19.23 -40.23
C LYS A 631 33.62 20.19 -40.57
N THR A 632 34.81 19.96 -40.01
CA THR A 632 35.96 20.81 -40.28
C THR A 632 37.02 20.16 -41.16
N GLY A 633 36.96 18.83 -41.33
CA GLY A 633 37.92 18.14 -42.16
C GLY A 633 39.23 17.80 -41.50
N ARG A 634 39.42 18.15 -40.23
CA ARG A 634 40.66 17.85 -39.55
C ARG A 634 40.76 16.36 -39.25
N LYS A 635 41.98 15.82 -39.33
CA LYS A 635 42.24 14.40 -39.12
C LYS A 635 43.25 14.23 -38.00
N LEU A 636 43.04 13.19 -37.19
CA LEU A 636 43.95 12.89 -36.09
C LEU A 636 44.27 11.40 -36.11
N ARG A 637 45.48 11.04 -35.72
CA ARG A 637 45.87 9.64 -35.62
C ARG A 637 47.09 9.53 -34.72
N GLY A 638 47.34 8.31 -34.24
CA GLY A 638 48.51 8.02 -33.45
C GLY A 638 48.14 7.26 -32.20
N SER A 639 48.83 7.58 -31.11
CA SER A 639 48.52 6.97 -29.83
C SER A 639 47.63 7.88 -28.99
N PHE A 640 47.03 7.31 -27.96
CA PHE A 640 46.09 8.06 -27.13
C PHE A 640 46.01 7.42 -25.75
N VAL A 641 45.83 8.27 -24.73
CA VAL A 641 45.67 7.84 -23.35
C VAL A 641 44.44 8.56 -22.81
N GLY A 642 43.45 7.79 -22.36
CA GLY A 642 42.25 8.38 -21.80
C GLY A 642 42.08 8.08 -20.33
N VAL A 643 41.69 9.09 -19.55
CA VAL A 643 41.49 8.95 -18.11
C VAL A 643 40.12 9.51 -17.76
N LYS A 644 39.34 8.74 -17.01
CA LYS A 644 38.05 9.18 -16.49
C LYS A 644 38.07 9.03 -14.98
N GLY A 645 37.67 10.06 -14.26
CA GLY A 645 37.76 9.96 -12.82
C GLY A 645 36.87 10.96 -12.11
N ALA A 646 37.03 11.00 -10.78
CA ALA A 646 36.40 12.05 -9.99
C ALA A 646 37.17 13.36 -10.18
N PRO A 647 36.48 14.51 -10.19
CA PRO A 647 37.15 15.77 -10.55
C PRO A 647 38.30 16.16 -9.62
N GLU A 648 38.20 15.83 -8.32
CA GLU A 648 39.25 16.22 -7.39
C GLU A 648 40.56 15.50 -7.71
N THR A 649 40.48 14.21 -8.02
CA THR A 649 41.70 13.46 -8.34
C THR A 649 42.27 13.87 -9.70
N ILE A 650 41.40 14.08 -10.69
CA ILE A 650 41.84 14.49 -12.02
C ILE A 650 42.48 15.87 -11.98
N MET A 651 42.02 16.75 -11.08
CA MET A 651 42.47 18.14 -11.05
C MET A 651 43.98 18.23 -10.80
N LYS A 652 44.50 17.37 -9.93
CA LYS A 652 45.93 17.41 -9.61
C LYS A 652 46.79 17.04 -10.81
N MET A 653 46.29 16.16 -11.68
CA MET A 653 47.11 15.70 -12.80
C MET A 653 47.08 16.67 -13.98
N LEU A 654 46.16 17.62 -13.99
CA LEU A 654 46.20 18.66 -15.01
C LEU A 654 47.41 19.57 -14.80
N VAL A 655 48.07 19.92 -15.90
CA VAL A 655 49.23 20.80 -15.82
C VAL A 655 48.77 22.26 -15.77
N THR A 656 47.68 22.58 -16.45
CA THR A 656 47.10 23.93 -16.45
C THR A 656 45.66 23.83 -15.97
N VAL A 657 45.43 24.18 -14.72
CA VAL A 657 44.06 24.22 -14.19
C VAL A 657 43.33 25.42 -14.78
N PRO A 658 42.12 25.26 -15.31
CA PRO A 658 41.40 26.40 -15.92
C PRO A 658 40.98 27.44 -14.90
N GLU A 659 40.37 28.53 -15.39
CA GLU A 659 40.07 29.67 -14.53
C GLU A 659 38.94 29.37 -13.55
N HIS A 660 37.96 28.57 -13.96
CA HIS A 660 36.78 28.32 -13.14
C HIS A 660 36.55 26.82 -12.96
N TYR A 661 37.64 26.08 -12.69
CA TYR A 661 37.51 24.63 -12.55
C TYR A 661 36.79 24.27 -11.25
N GLU A 662 37.16 24.89 -10.14
CA GLU A 662 36.63 24.51 -8.83
C GLU A 662 35.26 25.09 -8.55
N GLU A 663 34.62 25.73 -9.54
CA GLU A 663 33.27 26.25 -9.38
C GLU A 663 32.24 25.48 -10.18
N THR A 664 32.55 25.12 -11.43
CA THR A 664 31.60 24.43 -12.28
C THR A 664 31.24 23.05 -11.75
N TYR A 665 32.26 22.25 -11.39
CA TYR A 665 31.97 20.91 -10.89
C TYR A 665 31.34 20.96 -9.51
N LYS A 666 31.68 21.97 -8.70
CA LYS A 666 31.02 22.13 -7.40
C LYS A 666 29.54 22.46 -7.58
N TYR A 667 29.23 23.36 -8.51
CA TYR A 667 27.84 23.71 -8.77
C TYR A 667 27.06 22.52 -9.33
N PHE A 668 27.70 21.73 -10.18
CA PHE A 668 27.01 20.57 -10.75
C PHE A 668 26.82 19.46 -9.72
N THR A 669 27.78 19.27 -8.82
CA THR A 669 27.68 18.22 -7.82
C THR A 669 26.85 18.63 -6.60
N ARG A 670 26.58 19.92 -6.43
CA ARG A 670 25.64 20.34 -5.39
C ARG A 670 24.19 20.28 -5.84
N ARG A 671 23.95 20.07 -7.13
CA ARG A 671 22.60 19.85 -7.66
C ARG A 671 22.16 18.40 -7.57
N GLY A 672 23.04 17.50 -7.10
CA GLY A 672 22.73 16.10 -6.99
C GLY A 672 23.14 15.25 -8.16
N SER A 673 23.45 15.87 -9.30
CA SER A 673 23.83 15.12 -10.49
C SER A 673 25.27 14.61 -10.35
N ARG A 674 25.47 13.33 -10.64
CA ARG A 674 26.79 12.75 -10.61
C ARG A 674 27.63 13.29 -11.77
N VAL A 675 28.89 13.63 -11.48
CA VAL A 675 29.77 14.28 -12.43
C VAL A 675 31.08 13.51 -12.51
N LEU A 676 31.67 13.47 -13.71
CA LEU A 676 32.94 12.80 -13.95
C LEU A 676 33.82 13.69 -14.80
N ALA A 677 35.13 13.60 -14.61
CA ALA A 677 36.09 14.41 -15.34
C ALA A 677 36.85 13.54 -16.35
N LEU A 678 37.07 14.10 -17.53
CA LEU A 678 37.72 13.41 -18.65
C LEU A 678 39.01 14.12 -19.02
N ALA A 679 40.08 13.34 -19.18
CA ALA A 679 41.38 13.88 -19.55
C ALA A 679 42.00 13.01 -20.63
N TYR A 680 42.77 13.65 -21.51
CA TYR A 680 43.42 12.96 -22.61
C TYR A 680 44.89 13.33 -22.65
N LYS A 681 45.71 12.38 -23.14
CA LYS A 681 47.12 12.61 -23.36
C LYS A 681 47.53 11.97 -24.67
N GLN A 682 48.25 12.71 -25.51
CA GLN A 682 48.81 12.18 -26.74
C GLN A 682 50.24 11.74 -26.47
N LEU A 683 50.45 10.43 -26.33
CA LEU A 683 51.78 9.91 -26.04
C LEU A 683 52.71 10.10 -27.23
N THR A 684 52.36 9.52 -28.37
CA THR A 684 53.09 9.71 -29.62
C THR A 684 52.12 10.31 -30.63
N THR A 685 52.51 11.42 -31.26
CA THR A 685 51.62 12.11 -32.17
C THR A 685 51.43 11.37 -33.49
N GLU A 686 52.37 10.51 -33.87
CA GLU A 686 52.27 9.74 -35.11
C GLU A 686 52.61 8.29 -34.81
N GLY A 687 51.66 7.39 -35.09
CA GLY A 687 51.89 5.98 -34.87
C GLY A 687 51.74 5.58 -33.40
N GLU A 688 51.88 4.28 -33.17
CA GLU A 688 51.79 3.76 -31.81
C GLU A 688 53.12 3.95 -31.07
N LEU A 689 53.07 3.72 -29.76
CA LEU A 689 54.29 3.82 -28.95
C LEU A 689 55.30 2.76 -29.34
N GLY A 690 54.85 1.53 -29.53
CA GLY A 690 55.72 0.42 -29.89
C GLY A 690 55.33 -0.83 -29.14
N ALA A 691 55.83 -1.97 -29.64
CA ALA A 691 55.53 -3.25 -29.02
C ALA A 691 56.28 -3.41 -27.71
N ASN A 692 55.58 -3.92 -26.70
CA ASN A 692 56.11 -4.34 -25.40
C ASN A 692 56.55 -3.16 -24.53
N LYS A 693 56.52 -1.94 -25.08
CA LYS A 693 56.80 -0.76 -24.27
C LYS A 693 55.56 -0.29 -23.52
N ILE A 694 54.38 -0.59 -24.05
CA ILE A 694 53.14 -0.31 -23.33
C ILE A 694 53.02 -1.21 -22.10
N ASN A 695 53.60 -2.40 -22.15
CA ASN A 695 53.50 -3.34 -21.04
C ASN A 695 54.29 -2.88 -19.82
N ASP A 696 55.45 -2.26 -20.02
CA ASP A 696 56.28 -1.80 -18.91
C ASP A 696 55.92 -0.41 -18.43
N LEU A 697 54.95 0.25 -19.06
CA LEU A 697 54.53 1.57 -18.61
C LEU A 697 53.82 1.49 -17.28
N LYS A 698 54.17 2.39 -16.38
CA LYS A 698 53.67 2.37 -15.01
C LYS A 698 52.52 3.36 -14.84
N ARG A 699 51.74 3.15 -13.77
CA ARG A 699 50.58 3.99 -13.50
C ARG A 699 50.99 5.43 -13.19
N GLU A 700 52.19 5.63 -12.65
CA GLU A 700 52.64 6.96 -12.25
C GLU A 700 53.33 7.68 -13.40
N SER A 701 53.36 7.06 -14.58
CA SER A 701 53.94 7.68 -15.76
C SER A 701 52.85 7.95 -16.79
N VAL A 702 51.88 7.05 -16.89
CA VAL A 702 50.77 7.24 -17.80
C VAL A 702 49.88 8.39 -17.35
N GLU A 703 49.68 8.53 -16.04
CA GLU A 703 48.77 9.53 -15.49
C GLU A 703 49.53 10.72 -14.91
N ALA A 704 50.63 11.11 -15.54
CA ALA A 704 51.45 12.21 -15.05
C ALA A 704 50.88 13.56 -15.45
N ASP A 705 50.82 13.85 -16.75
CA ASP A 705 50.32 15.11 -17.28
C ASP A 705 49.26 14.83 -18.32
N LEU A 706 48.14 15.54 -18.23
CA LEU A 706 47.03 15.36 -19.16
C LEU A 706 46.43 16.71 -19.56
N HIS A 707 45.41 16.64 -20.41
CA HIS A 707 44.69 17.81 -20.88
C HIS A 707 43.19 17.59 -20.67
N PHE A 708 42.52 18.65 -20.21
CA PHE A 708 41.11 18.58 -19.85
C PHE A 708 40.24 18.43 -21.10
N ALA A 709 39.13 17.70 -20.95
CA ALA A 709 38.18 17.54 -22.05
C ALA A 709 36.80 18.09 -21.71
N GLY A 710 36.26 17.74 -20.56
CA GLY A 710 34.95 18.21 -20.17
C GLY A 710 34.39 17.38 -19.05
N PHE A 711 33.28 17.86 -18.50
CA PHE A 711 32.56 17.16 -17.44
C PHE A 711 31.39 16.41 -18.04
N LEU A 712 31.27 15.13 -17.70
CA LEU A 712 30.17 14.29 -18.15
C LEU A 712 29.19 14.14 -17.00
N VAL A 713 27.99 14.68 -17.16
CA VAL A 713 26.98 14.69 -16.11
C VAL A 713 25.93 13.63 -16.38
N LEU A 714 25.65 12.83 -15.36
CA LEU A 714 24.65 11.78 -15.41
C LEU A 714 23.59 12.07 -14.38
N GLN A 715 22.32 11.83 -14.71
CA GLN A 715 21.24 12.11 -13.79
C GLN A 715 20.05 11.21 -14.11
N CYS A 716 19.14 11.11 -13.16
CA CYS A 716 17.91 10.39 -13.42
C CYS A 716 16.85 11.35 -13.97
N PRO A 717 16.31 11.07 -15.15
CA PRO A 717 15.42 12.04 -15.80
C PRO A 717 14.03 12.11 -15.16
N LEU A 718 13.58 13.33 -14.87
CA LEU A 718 12.28 13.52 -14.24
C LEU A 718 11.15 13.17 -15.19
N LYS A 719 10.08 12.61 -14.64
CA LYS A 719 8.89 12.32 -15.42
C LYS A 719 8.19 13.62 -15.82
N GLU A 720 7.38 13.54 -16.88
CA GLU A 720 6.66 14.70 -17.37
C GLU A 720 5.36 14.96 -16.62
N ASP A 721 4.92 14.02 -15.77
CA ASP A 721 3.65 14.15 -15.08
C ASP A 721 3.80 14.45 -13.59
N ALA A 722 5.01 14.41 -13.05
CA ALA A 722 5.20 14.57 -11.61
C ALA A 722 4.80 15.96 -11.14
N LYS A 723 5.19 17.00 -11.89
CA LYS A 723 4.94 18.37 -11.46
C LYS A 723 3.44 18.66 -11.38
N GLN A 724 2.69 18.23 -12.40
CA GLN A 724 1.25 18.52 -12.43
C GLN A 724 0.52 17.76 -11.34
N ALA A 725 0.84 16.48 -11.14
CA ALA A 725 0.16 15.69 -10.12
C ALA A 725 0.48 16.20 -8.72
N VAL A 726 1.74 16.54 -8.46
CA VAL A 726 2.09 17.05 -7.14
C VAL A 726 1.48 18.43 -6.90
N ARG A 727 1.40 19.25 -7.96
CA ARG A 727 0.73 20.54 -7.84
C ARG A 727 -0.75 20.37 -7.51
N MET A 728 -1.40 19.39 -8.15
CA MET A 728 -2.82 19.18 -7.91
C MET A 728 -3.06 18.62 -6.51
N LEU A 729 -2.16 17.77 -6.02
CA LEU A 729 -2.28 17.30 -4.64
C LEU A 729 -2.05 18.43 -3.64
N ASN A 730 -1.06 19.28 -3.90
CA ASN A 730 -0.71 20.33 -2.94
C ASN A 730 -1.78 21.43 -2.90
N GLU A 731 -2.36 21.77 -4.05
CA GLU A 731 -3.35 22.84 -4.07
C GLU A 731 -4.65 22.43 -3.40
N SER A 732 -4.87 21.13 -3.22
CA SER A 732 -5.99 20.64 -2.44
C SER A 732 -5.63 20.68 -0.97
N SER A 733 -6.45 20.05 -0.13
CA SER A 733 -6.25 20.04 1.31
C SER A 733 -5.32 18.91 1.76
N HIS A 734 -4.51 18.37 0.85
CA HIS A 734 -3.59 17.29 1.16
C HIS A 734 -2.23 17.87 1.56
N ARG A 735 -1.25 17.00 1.72
CA ARG A 735 0.13 17.39 1.97
C ARG A 735 1.04 16.30 1.44
N VAL A 736 2.05 16.68 0.66
CA VAL A 736 2.92 15.73 -0.03
C VAL A 736 4.26 15.70 0.68
N VAL A 737 4.70 14.50 1.04
CA VAL A 737 6.03 14.29 1.62
C VAL A 737 6.74 13.24 0.78
N MET A 738 8.07 13.23 0.87
CA MET A 738 8.90 12.31 0.10
C MET A 738 9.76 11.49 1.06
N ILE A 739 9.73 10.17 0.90
CA ILE A 739 10.52 9.24 1.70
C ILE A 739 11.34 8.42 0.72
N THR A 740 12.58 8.83 0.47
CA THR A 740 13.44 8.19 -0.51
C THR A 740 14.54 7.38 0.17
N GLY A 741 15.42 6.81 -0.65
CA GLY A 741 16.58 6.10 -0.16
C GLY A 741 17.84 6.54 -0.87
N ASP A 742 17.81 7.75 -1.40
CA ASP A 742 18.90 8.31 -2.18
C ASP A 742 19.70 9.30 -1.33
N ASN A 743 20.64 10.00 -1.96
CA ASN A 743 21.46 10.98 -1.27
C ASN A 743 20.61 12.20 -0.88
N PRO A 744 20.99 12.92 0.19
CA PRO A 744 20.23 14.11 0.57
C PRO A 744 20.19 15.19 -0.49
N LEU A 745 21.28 15.39 -1.23
CA LEU A 745 21.35 16.49 -2.18
C LEU A 745 20.41 16.26 -3.36
N THR A 746 20.42 15.05 -3.91
CA THR A 746 19.54 14.75 -5.05
C THR A 746 18.07 14.79 -4.63
N ALA A 747 17.76 14.27 -3.45
CA ALA A 747 16.39 14.33 -2.95
C ALA A 747 15.93 15.77 -2.75
N VAL A 748 16.80 16.61 -2.19
CA VAL A 748 16.46 18.01 -1.98
C VAL A 748 16.24 18.72 -3.32
N HIS A 749 17.09 18.44 -4.30
CA HIS A 749 16.94 19.08 -5.61
C HIS A 749 15.67 18.63 -6.31
N VAL A 750 15.34 17.33 -6.23
CA VAL A 750 14.12 16.84 -6.85
C VAL A 750 12.89 17.42 -6.16
N ALA A 751 12.93 17.52 -4.83
CA ALA A 751 11.81 18.12 -4.11
C ALA A 751 11.65 19.60 -4.46
N LYS A 752 12.77 20.30 -4.67
CA LYS A 752 12.69 21.71 -5.04
C LYS A 752 12.18 21.89 -6.46
N GLU A 753 12.52 20.97 -7.37
CA GLU A 753 12.05 21.08 -8.75
C GLU A 753 10.57 20.75 -8.86
N VAL A 754 10.08 19.83 -8.04
CA VAL A 754 8.71 19.35 -8.11
C VAL A 754 7.78 20.24 -7.27
N GLU A 755 8.36 21.18 -6.50
CA GLU A 755 7.66 22.12 -5.62
C GLU A 755 7.00 21.41 -4.44
N ILE A 756 7.70 20.46 -3.83
CA ILE A 756 7.30 19.95 -2.52
C ILE A 756 7.68 20.97 -1.44
N VAL A 757 8.90 21.49 -1.50
CA VAL A 757 9.40 22.50 -0.58
C VAL A 757 9.90 23.69 -1.37
N ASP A 758 9.42 24.89 -1.02
CA ASP A 758 9.86 26.14 -1.67
C ASP A 758 10.19 27.17 -0.60
N ARG A 759 11.39 27.07 -0.05
CA ARG A 759 11.96 28.03 0.91
C ARG A 759 13.43 27.65 1.08
N ASP A 760 14.09 28.29 2.05
CA ASP A 760 15.40 27.82 2.47
C ASP A 760 15.27 26.45 3.10
N VAL A 761 16.25 25.59 2.82
CA VAL A 761 16.21 24.19 3.25
C VAL A 761 17.45 23.89 4.08
N LEU A 762 17.24 23.23 5.23
CA LEU A 762 18.31 22.81 6.11
C LEU A 762 18.20 21.31 6.30
N ILE A 763 19.31 20.60 6.14
CA ILE A 763 19.33 19.15 6.27
C ILE A 763 19.96 18.79 7.61
N LEU A 764 19.54 17.65 8.15
CA LEU A 764 20.01 17.15 9.45
C LEU A 764 20.83 15.90 9.20
N ASP A 765 22.14 15.97 9.43
CA ASP A 765 23.03 14.87 9.12
C ASP A 765 24.35 15.09 9.84
N ALA A 766 25.22 14.08 9.74
CA ALA A 766 26.61 14.23 10.09
C ALA A 766 27.30 15.15 9.09
N PRO A 767 28.44 15.75 9.45
CA PRO A 767 29.14 16.63 8.50
C PRO A 767 29.54 15.89 7.23
N GLU A 768 29.57 16.64 6.13
CA GLU A 768 29.74 16.04 4.80
C GLU A 768 31.10 15.35 4.65
N HIS A 769 32.11 15.83 5.38
CA HIS A 769 33.37 15.11 5.43
C HIS A 769 33.17 13.82 6.22
N SER A 770 33.65 12.70 5.66
CA SER A 770 33.38 11.39 6.22
C SER A 770 34.06 11.24 7.57
N VAL A 771 33.29 11.29 8.65
CA VAL A 771 33.79 11.07 10.00
C VAL A 771 33.13 9.78 10.50
N TYR A 772 33.97 8.83 10.91
CA TYR A 772 33.48 7.55 11.38
C TYR A 772 33.66 7.42 12.89
N GLY A 773 32.62 6.94 13.56
CA GLY A 773 32.63 6.88 15.01
C GLY A 773 32.26 8.18 15.69
N GLU A 774 31.87 9.21 14.94
CA GLU A 774 31.49 10.49 15.49
C GLU A 774 29.97 10.63 15.43
N GLU A 775 29.38 10.98 16.57
CA GLU A 775 27.93 11.04 16.71
C GLU A 775 27.38 12.46 16.62
N SER A 776 28.18 13.41 16.17
CA SER A 776 27.76 14.81 16.12
C SER A 776 26.81 15.01 14.95
N LEU A 777 25.58 15.43 15.25
CA LEU A 777 24.61 15.81 14.23
C LEU A 777 24.62 17.33 14.09
N VAL A 778 24.72 17.81 12.85
CA VAL A 778 24.84 19.23 12.59
C VAL A 778 23.88 19.62 11.47
N TRP A 779 23.14 20.71 11.69
CA TRP A 779 22.32 21.27 10.62
C TRP A 779 23.22 21.83 9.53
N ARG A 780 22.93 21.49 8.28
CA ARG A 780 23.72 21.94 7.15
C ARG A 780 22.82 22.59 6.12
N SER A 781 23.40 23.44 5.29
CA SER A 781 22.69 24.01 4.15
C SER A 781 23.22 23.38 2.86
N VAL A 782 22.42 23.50 1.81
CA VAL A 782 22.83 23.00 0.50
C VAL A 782 24.03 23.77 -0.01
N ASP A 783 24.04 25.09 0.19
CA ASP A 783 25.19 25.91 -0.18
C ASP A 783 26.38 25.66 0.76
N ASP A 784 26.14 25.05 1.92
CA ASP A 784 27.15 24.67 2.89
C ASP A 784 27.92 25.88 3.42
N LYS A 785 27.17 26.79 4.03
CA LYS A 785 27.74 27.90 4.78
C LYS A 785 27.13 28.03 6.17
N ILE A 786 26.19 27.17 6.54
CA ILE A 786 25.56 27.18 7.86
C ILE A 786 25.83 25.83 8.51
N ARG A 787 26.40 25.85 9.71
CA ARG A 787 26.80 24.64 10.42
C ARG A 787 26.35 24.68 11.87
N ILE A 788 25.06 24.98 12.08
CA ILE A 788 24.50 25.01 13.43
C ILE A 788 24.55 23.60 14.03
N ASP A 789 25.23 23.47 15.15
CA ASP A 789 25.33 22.18 15.83
C ASP A 789 24.08 21.92 16.66
N VAL A 790 23.84 20.63 16.92
CA VAL A 790 22.66 20.21 17.68
C VAL A 790 22.98 18.89 18.37
N ASP A 791 22.26 18.61 19.44
CA ASP A 791 22.36 17.38 20.21
C ASP A 791 20.97 16.80 20.40
N PRO A 792 20.84 15.48 20.54
CA PRO A 792 19.51 14.87 20.65
C PRO A 792 18.79 15.15 21.95
N THR A 793 18.55 16.43 22.25
CA THR A 793 17.75 16.81 23.42
C THR A 793 16.49 17.55 23.00
N LYS A 794 16.60 18.66 22.27
CA LYS A 794 15.46 19.41 21.78
C LYS A 794 15.87 20.32 20.63
N PRO A 795 15.24 20.22 19.47
CA PRO A 795 15.52 21.19 18.41
C PRO A 795 14.99 22.57 18.78
N ILE A 796 15.70 23.60 18.33
CA ILE A 796 15.32 24.97 18.66
C ILE A 796 14.05 25.33 17.87
N ASP A 797 13.02 25.72 18.60
CA ASP A 797 11.72 25.93 17.97
C ASP A 797 11.60 27.25 17.20
N PRO A 798 11.84 28.43 17.79
CA PRO A 798 11.37 29.67 17.13
C PRO A 798 12.01 29.97 15.78
N GLU A 799 13.20 29.46 15.50
CA GLU A 799 13.90 29.84 14.28
C GLU A 799 14.06 28.68 13.30
N ILE A 800 14.70 27.59 13.72
CA ILE A 800 14.95 26.48 12.79
C ILE A 800 13.65 25.74 12.47
N LEU A 801 12.82 25.50 13.48
CA LEU A 801 11.61 24.72 13.27
C LEU A 801 10.52 25.50 12.57
N LYS A 802 10.61 26.82 12.52
CA LYS A 802 9.53 27.66 12.01
C LYS A 802 9.89 28.45 10.77
N THR A 803 11.09 29.03 10.70
CA THR A 803 11.43 29.88 9.56
C THR A 803 11.89 29.07 8.36
N LYS A 804 12.82 28.15 8.57
CA LYS A 804 13.37 27.33 7.48
C LYS A 804 12.79 25.93 7.51
N ASP A 805 12.74 25.31 6.35
CA ASP A 805 12.23 23.94 6.24
C ASP A 805 13.27 22.95 6.74
N LEU A 806 12.94 21.66 6.65
CA LEU A 806 13.75 20.62 7.23
C LEU A 806 13.95 19.48 6.24
N CYS A 807 15.00 18.71 6.48
CA CYS A 807 15.30 17.49 5.70
C CYS A 807 16.04 16.55 6.63
N VAL A 808 15.33 15.61 7.22
CA VAL A 808 15.90 14.71 8.21
C VAL A 808 16.36 13.44 7.50
N THR A 809 17.65 13.14 7.61
CA THR A 809 18.20 11.95 6.98
C THR A 809 18.01 10.73 7.87
N GLY A 810 18.37 9.56 7.34
CA GLY A 810 18.22 8.33 8.07
C GLY A 810 19.26 8.10 9.15
N TYR A 811 20.34 8.87 9.15
CA TYR A 811 21.34 8.76 10.21
C TYR A 811 20.90 9.47 11.49
N ALA A 812 19.95 10.40 11.40
CA ALA A 812 19.46 11.10 12.58
C ALA A 812 18.16 10.54 13.12
N LEU A 813 17.52 9.60 12.40
CA LEU A 813 16.27 9.03 12.89
C LEU A 813 16.51 8.07 14.05
N ASN A 814 17.53 7.21 13.93
CA ASN A 814 17.83 6.27 15.00
C ASN A 814 18.53 6.90 16.19
N LYS A 815 19.03 8.12 16.04
CA LYS A 815 19.57 8.86 17.18
C LYS A 815 18.52 9.71 17.87
N PHE A 816 17.38 9.95 17.23
CA PHE A 816 16.25 10.67 17.82
C PHE A 816 15.14 9.74 18.27
N LYS A 817 15.37 8.43 18.28
CA LYS A 817 14.32 7.47 18.62
C LYS A 817 14.07 7.50 20.12
N GLY A 818 12.83 7.80 20.51
CA GLY A 818 12.43 7.78 21.89
C GLY A 818 12.59 9.09 22.64
N GLN A 819 13.30 10.06 22.06
CA GLN A 819 13.50 11.34 22.71
C GLN A 819 12.24 12.20 22.58
N VAL A 820 12.25 13.35 23.27
CA VAL A 820 11.10 14.23 23.24
C VAL A 820 10.99 14.96 21.91
N GLY A 821 12.11 15.18 21.23
CA GLY A 821 12.09 15.87 19.95
C GLY A 821 11.54 15.07 18.79
N TRP A 822 11.43 13.76 18.94
CA TRP A 822 10.93 12.90 17.85
C TRP A 822 9.53 13.30 17.43
N LYS A 823 8.64 13.55 18.39
CA LYS A 823 7.28 13.97 18.09
C LYS A 823 7.25 15.32 17.37
N SER A 824 8.33 16.10 17.42
CA SER A 824 8.41 17.35 16.69
C SER A 824 9.06 17.19 15.32
N LEU A 825 9.73 16.06 15.06
CA LEU A 825 10.36 15.85 13.77
C LEU A 825 9.48 15.11 12.78
N LEU A 826 8.31 14.66 13.19
CA LEU A 826 7.36 14.03 12.28
C LEU A 826 6.25 14.99 11.85
N ARG A 827 6.37 16.27 12.20
CA ARG A 827 5.37 17.27 11.87
C ARG A 827 5.91 18.39 10.99
N TYR A 828 7.18 18.77 11.13
CA TYR A 828 7.76 19.87 10.38
C TYR A 828 8.85 19.39 9.42
N THR A 829 8.72 18.17 8.90
CA THR A 829 9.64 17.65 7.89
C THR A 829 8.85 17.22 6.67
N TRP A 830 9.38 17.52 5.49
CA TRP A 830 8.72 17.15 4.24
C TRP A 830 9.48 16.13 3.41
N VAL A 831 10.79 16.01 3.58
CA VAL A 831 11.57 15.00 2.85
C VAL A 831 12.43 14.23 3.84
N TYR A 832 12.62 12.93 3.57
CA TYR A 832 13.55 12.09 4.30
C TYR A 832 14.45 11.37 3.31
N ALA A 833 15.75 11.43 3.53
CA ALA A 833 16.72 10.87 2.60
C ALA A 833 17.58 9.82 3.29
N ARG A 834 18.08 8.87 2.50
CA ARG A 834 18.90 7.76 2.98
C ARG A 834 18.19 6.98 4.08
N VAL A 835 17.03 6.44 3.74
CA VAL A 835 16.14 5.80 4.70
C VAL A 835 16.12 4.29 4.43
N SER A 836 16.40 3.52 5.47
CA SER A 836 16.39 2.06 5.38
C SER A 836 14.96 1.54 5.21
N PRO A 837 14.79 0.31 4.71
CA PRO A 837 13.44 -0.23 4.54
C PRO A 837 12.62 -0.31 5.82
N LYS A 838 13.25 -0.54 6.97
CA LYS A 838 12.50 -0.57 8.22
C LYS A 838 12.09 0.83 8.67
N GLN A 839 12.93 1.83 8.42
CA GLN A 839 12.62 3.17 8.89
C GLN A 839 11.47 3.81 8.11
N LYS A 840 11.20 3.37 6.87
CA LYS A 840 10.01 3.85 6.17
C LYS A 840 8.74 3.40 6.89
N GLU A 841 8.70 2.13 7.28
CA GLU A 841 7.57 1.61 8.05
C GLU A 841 7.47 2.30 9.39
N ASP A 842 8.62 2.60 10.01
CA ASP A 842 8.63 3.32 11.29
C ASP A 842 8.02 4.71 11.13
N ILE A 843 8.41 5.43 10.07
CA ILE A 843 7.90 6.77 9.83
C ILE A 843 6.39 6.73 9.58
N LEU A 844 5.94 5.77 8.77
CA LEU A 844 4.51 5.70 8.47
C LEU A 844 3.70 5.32 9.70
N LEU A 845 4.22 4.42 10.54
CA LEU A 845 3.53 4.09 11.78
C LEU A 845 3.48 5.28 12.73
N GLY A 846 4.57 6.04 12.83
CA GLY A 846 4.56 7.22 13.67
C GLY A 846 3.60 8.28 13.18
N LEU A 847 3.47 8.41 11.86
CA LEU A 847 2.48 9.34 11.31
C LEU A 847 1.06 8.85 11.54
N LYS A 848 0.83 7.55 11.44
CA LYS A 848 -0.50 6.98 11.65
C LYS A 848 -0.93 7.02 13.11
N ASP A 849 0.01 7.01 14.05
CA ASP A 849 -0.32 7.05 15.47
C ASP A 849 -0.53 8.46 15.99
N MET A 850 -0.48 9.47 15.12
CA MET A 850 -0.81 10.83 15.51
C MET A 850 -2.23 11.23 15.12
N GLY A 851 -2.87 10.49 14.21
CA GLY A 851 -4.24 10.76 13.85
C GLY A 851 -4.46 11.06 12.39
N TYR A 852 -3.39 11.05 11.59
CA TYR A 852 -3.44 11.39 10.18
C TYR A 852 -3.54 10.12 9.34
N TYR A 853 -4.46 10.11 8.38
CA TYR A 853 -4.51 9.03 7.41
C TYR A 853 -3.44 9.25 6.35
N THR A 854 -2.78 8.16 5.94
CA THR A 854 -1.61 8.24 5.09
C THR A 854 -1.86 7.53 3.76
N LEU A 855 -0.96 7.79 2.81
CA LEU A 855 -0.97 7.13 1.51
C LEU A 855 0.46 7.07 1.00
N MET A 856 0.87 5.92 0.48
CA MET A 856 2.21 5.72 -0.02
C MET A 856 2.14 5.15 -1.44
N ALA A 857 2.97 5.70 -2.33
CA ALA A 857 2.98 5.29 -3.74
C ALA A 857 4.41 4.91 -4.13
N GLY A 858 4.77 3.65 -3.93
CA GLY A 858 6.10 3.16 -4.21
C GLY A 858 6.20 2.39 -5.51
N ASP A 859 7.41 1.93 -5.79
CA ASP A 859 7.68 1.20 -7.02
C ASP A 859 8.36 -0.14 -6.79
N GLY A 860 9.23 -0.24 -5.80
CA GLY A 860 10.11 -1.40 -5.70
C GLY A 860 9.98 -2.22 -4.43
N THR A 861 11.04 -2.97 -4.12
CA THR A 861 11.02 -3.89 -2.99
C THR A 861 11.41 -3.23 -1.67
N ASN A 862 12.16 -2.12 -1.73
CA ASN A 862 12.71 -1.54 -0.51
C ASN A 862 11.66 -0.85 0.34
N ASP A 863 10.47 -0.58 -0.19
CA ASP A 863 9.41 0.09 0.55
C ASP A 863 8.17 -0.78 0.71
N VAL A 864 8.36 -2.07 0.95
CA VAL A 864 7.23 -2.96 1.19
C VAL A 864 6.60 -2.68 2.55
N GLY A 865 7.43 -2.46 3.57
CA GLY A 865 6.93 -2.15 4.89
C GLY A 865 6.16 -0.85 4.97
N ALA A 866 6.42 0.07 4.05
CA ALA A 866 5.62 1.27 3.94
C ALA A 866 4.32 1.04 3.17
N LEU A 867 4.37 0.23 2.10
CA LEU A 867 3.17 -0.04 1.32
C LEU A 867 2.14 -0.81 2.14
N LYS A 868 2.60 -1.73 2.98
CA LYS A 868 1.66 -2.61 3.68
C LYS A 868 0.94 -1.89 4.81
N GLN A 869 1.64 -1.01 5.54
CA GLN A 869 1.09 -0.39 6.74
C GLN A 869 0.44 0.97 6.46
N ALA A 870 0.40 1.39 5.20
CA ALA A 870 -0.32 2.60 4.83
C ALA A 870 -1.79 2.27 4.60
N HIS A 871 -2.64 3.27 4.78
CA HIS A 871 -4.08 3.06 4.61
C HIS A 871 -4.42 2.75 3.16
N VAL A 872 -3.90 3.54 2.23
CA VAL A 872 -4.06 3.30 0.80
C VAL A 872 -2.67 3.23 0.19
N GLY A 873 -2.31 2.06 -0.35
CA GLY A 873 -0.99 1.89 -0.91
C GLY A 873 -1.00 1.54 -2.38
N VAL A 874 -0.47 2.43 -3.20
CA VAL A 874 -0.41 2.22 -4.65
C VAL A 874 0.98 1.78 -5.04
N ALA A 875 1.08 0.86 -5.98
CA ALA A 875 2.36 0.40 -6.53
C ALA A 875 2.36 0.66 -8.02
N LEU A 876 3.30 1.48 -8.48
CA LEU A 876 3.36 1.89 -9.89
C LEU A 876 4.30 0.96 -10.64
N LEU A 877 3.76 0.19 -11.58
CA LEU A 877 4.59 -0.58 -12.49
C LEU A 877 5.08 0.30 -13.63
N ASN A 878 6.00 -0.23 -14.43
CA ASN A 878 6.58 0.49 -15.55
C ASN A 878 6.06 -0.12 -16.85
N GLY A 879 5.25 0.63 -17.57
CA GLY A 879 4.74 0.21 -18.87
C GLY A 879 3.88 1.27 -19.51
N THR A 880 4.12 1.56 -20.79
CA THR A 880 3.40 2.61 -21.48
C THR A 880 2.07 2.10 -22.02
N GLN A 881 1.29 3.01 -22.60
CA GLN A 881 -0.02 2.64 -23.15
C GLN A 881 0.13 1.73 -24.37
N GLU A 882 1.18 1.96 -25.17
CA GLU A 882 1.40 1.14 -26.36
C GLU A 882 1.70 -0.30 -26.01
N ASP A 883 2.40 -0.54 -24.90
CA ASP A 883 2.65 -1.91 -24.47
C ASP A 883 1.34 -2.60 -24.10
N LEU A 884 0.45 -1.89 -23.41
CA LEU A 884 -0.86 -2.45 -23.09
C LEU A 884 -1.68 -2.73 -24.36
N ASN A 885 -1.60 -1.84 -25.34
CA ASN A 885 -2.31 -2.05 -26.59
C ASN A 885 -1.77 -3.28 -27.32
N ARG A 886 -0.45 -3.46 -27.33
CA ARG A 886 0.13 -4.63 -27.97
C ARG A 886 -0.19 -5.92 -27.22
N ILE A 887 -0.27 -5.85 -25.88
CA ILE A 887 -0.69 -7.02 -25.11
C ILE A 887 -2.14 -7.37 -25.45
N ALA A 888 -2.99 -6.35 -25.59
CA ALA A 888 -4.38 -6.60 -25.98
C ALA A 888 -4.48 -7.22 -27.37
N GLU A 889 -3.66 -6.73 -28.30
CA GLU A 889 -3.64 -7.28 -29.65
C GLU A 889 -3.18 -8.73 -29.65
N HIS A 890 -2.15 -9.04 -28.85
CA HIS A 890 -1.66 -10.42 -28.78
C HIS A 890 -2.70 -11.35 -28.17
N THR A 891 -3.39 -10.89 -27.11
CA THR A 891 -4.42 -11.72 -26.50
C THR A 891 -5.59 -11.94 -27.46
N ARG A 892 -5.99 -10.89 -28.19
CA ARG A 892 -7.06 -11.05 -29.17
C ARG A 892 -6.65 -12.02 -30.28
N ASN A 893 -5.41 -11.94 -30.75
CA ASN A 893 -4.94 -12.84 -31.80
C ASN A 893 -4.90 -14.28 -31.32
N GLN A 894 -4.42 -14.52 -30.09
CA GLN A 894 -4.34 -15.90 -29.61
C GLN A 894 -5.72 -16.45 -29.26
N LYS A 895 -6.67 -15.58 -28.92
CA LYS A 895 -8.04 -16.04 -28.71
C LYS A 895 -8.71 -16.34 -30.05
N MET A 896 -8.40 -15.56 -31.09
CA MET A 896 -8.93 -15.85 -32.42
C MET A 896 -8.36 -17.16 -32.97
N LYS A 897 -7.07 -17.41 -32.71
CA LYS A 897 -6.44 -18.64 -33.19
C LYS A 897 -7.05 -19.87 -32.53
N GLU A 898 -7.43 -19.75 -31.26
CA GLU A 898 -8.04 -20.87 -30.54
C GLU A 898 -9.45 -21.15 -31.07
N GLU A 1006 3.80 -12.95 -27.04
CA GLU A 1006 4.86 -12.50 -27.92
C GLU A 1006 5.50 -11.14 -27.53
N PRO A 1007 4.70 -10.10 -27.20
CA PRO A 1007 5.31 -8.88 -26.69
C PRO A 1007 5.86 -9.10 -25.29
N PRO A 1008 6.85 -8.31 -24.87
CA PRO A 1008 7.37 -8.44 -23.51
C PRO A 1008 6.30 -8.12 -22.47
N THR A 1009 6.30 -8.88 -21.38
CA THR A 1009 5.31 -8.72 -20.33
C THR A 1009 5.73 -7.60 -19.37
N LEU A 1010 4.76 -7.14 -18.59
CA LEU A 1010 5.02 -6.14 -17.58
C LEU A 1010 5.87 -6.73 -16.45
N LYS A 1011 6.72 -5.88 -15.87
CA LYS A 1011 7.60 -6.32 -14.78
C LYS A 1011 6.76 -6.44 -13.50
N LEU A 1012 6.12 -7.60 -13.36
CA LEU A 1012 5.36 -7.90 -12.16
C LEU A 1012 6.34 -8.25 -11.05
N GLY A 1013 6.82 -7.22 -10.36
CA GLY A 1013 7.90 -7.42 -9.39
C GLY A 1013 7.43 -7.76 -8.00
N ASP A 1014 7.76 -6.91 -7.04
CA ASP A 1014 7.51 -7.20 -5.63
C ASP A 1014 6.69 -6.13 -4.92
N ALA A 1015 6.54 -4.93 -5.48
CA ALA A 1015 5.74 -3.91 -4.82
C ALA A 1015 4.24 -4.18 -4.97
N SER A 1016 3.84 -4.74 -6.12
CA SER A 1016 2.42 -5.01 -6.34
C SER A 1016 1.92 -6.20 -5.53
N VAL A 1017 2.83 -7.02 -5.00
CA VAL A 1017 2.42 -8.13 -4.14
C VAL A 1017 1.89 -7.61 -2.81
N ALA A 1018 2.55 -6.60 -2.24
CA ALA A 1018 2.22 -6.09 -0.92
C ALA A 1018 1.40 -4.81 -0.97
N ALA A 1019 0.85 -4.46 -2.12
CA ALA A 1019 0.08 -3.23 -2.18
C ALA A 1019 -1.40 -3.52 -2.45
N PRO A 1020 -2.32 -2.85 -1.75
CA PRO A 1020 -3.75 -3.05 -2.04
C PRO A 1020 -4.14 -2.68 -3.45
N PHE A 1021 -3.53 -1.65 -4.02
CA PHE A 1021 -3.79 -1.23 -5.40
C PHE A 1021 -2.58 -1.55 -6.25
N THR A 1022 -2.76 -1.47 -7.57
CA THR A 1022 -1.67 -1.70 -8.50
C THR A 1022 -1.99 -1.00 -9.81
N SER A 1023 -1.22 0.03 -10.14
CA SER A 1023 -1.35 0.65 -11.44
C SER A 1023 -0.56 -0.13 -12.48
N LYS A 1024 -0.87 0.13 -13.75
CA LYS A 1024 -0.19 -0.57 -14.83
C LYS A 1024 0.19 0.35 -15.98
N LEU A 1025 0.25 1.67 -15.74
CA LEU A 1025 0.44 2.62 -16.82
C LEU A 1025 1.66 3.52 -16.66
N ARG A 1026 2.37 3.47 -15.53
CA ARG A 1026 3.57 4.26 -15.27
C ARG A 1026 3.27 5.76 -15.42
N ASN A 1027 2.40 6.24 -14.54
CA ASN A 1027 1.99 7.64 -14.55
C ASN A 1027 1.85 8.13 -13.11
N VAL A 1028 2.33 9.34 -12.85
CA VAL A 1028 2.12 9.94 -11.55
C VAL A 1028 0.69 10.46 -11.42
N MET A 1029 0.01 10.70 -12.54
CA MET A 1029 -1.38 11.14 -12.54
C MET A 1029 -2.34 10.05 -12.07
N ALA A 1030 -1.88 8.81 -11.92
CA ALA A 1030 -2.75 7.75 -11.41
C ALA A 1030 -3.03 7.92 -9.92
N ILE A 1031 -2.25 8.73 -9.21
CA ILE A 1031 -2.46 8.96 -7.79
C ILE A 1031 -3.59 9.97 -7.55
N PRO A 1032 -3.70 11.09 -8.27
CA PRO A 1032 -4.91 11.92 -8.12
C PRO A 1032 -6.19 11.19 -8.51
N ASN A 1033 -6.16 10.39 -9.58
CA ASN A 1033 -7.37 9.76 -10.09
C ASN A 1033 -7.99 8.85 -9.04
N ILE A 1034 -7.17 8.05 -8.37
CA ILE A 1034 -7.65 7.23 -7.26
C ILE A 1034 -8.32 8.10 -6.21
N LEU A 1035 -7.68 9.20 -5.84
CA LEU A 1035 -8.29 10.14 -4.90
C LEU A 1035 -9.60 10.70 -5.48
N ARG A 1036 -9.59 11.01 -6.78
CA ARG A 1036 -10.80 11.54 -7.41
C ARG A 1036 -11.92 10.51 -7.39
N GLN A 1037 -11.58 9.23 -7.27
CA GLN A 1037 -12.62 8.23 -7.11
C GLN A 1037 -13.01 8.07 -5.65
N GLY A 1038 -12.05 8.20 -4.74
CA GLY A 1038 -12.31 7.89 -3.34
C GLY A 1038 -13.39 8.78 -2.74
N ARG A 1039 -13.29 10.09 -2.98
CA ARG A 1039 -14.35 11.01 -2.58
C ARG A 1039 -15.69 10.56 -3.12
N CYS A 1040 -15.73 10.21 -4.41
CA CYS A 1040 -16.98 9.81 -5.06
C CYS A 1040 -17.58 8.57 -4.41
N THR A 1041 -16.74 7.75 -3.78
CA THR A 1041 -17.29 6.63 -3.02
C THR A 1041 -17.73 7.08 -1.63
N LEU A 1042 -16.88 7.84 -0.95
CA LEU A 1042 -17.12 8.13 0.47
C LEU A 1042 -18.38 8.95 0.65
N VAL A 1043 -18.60 9.94 -0.21
CA VAL A 1043 -19.81 10.76 -0.16
C VAL A 1043 -21.04 9.88 -0.33
N ALA A 1044 -20.96 8.86 -1.18
CA ALA A 1044 -22.06 7.91 -1.27
C ALA A 1044 -22.20 7.10 0.01
N THR A 1045 -21.08 6.60 0.55
CA THR A 1045 -21.14 5.67 1.68
C THR A 1045 -21.71 6.36 2.92
N ILE A 1046 -21.50 7.67 3.04
CA ILE A 1046 -22.12 8.42 4.12
C ILE A 1046 -23.63 8.46 3.95
N GLN A 1047 -24.11 8.83 2.75
CA GLN A 1047 -25.53 9.14 2.64
C GLN A 1047 -26.37 7.87 2.63
N MET A 1048 -25.81 6.76 2.17
CA MET A 1048 -26.52 5.48 2.30
C MET A 1048 -26.68 5.08 3.76
N TYR A 1049 -25.85 5.63 4.64
CA TYR A 1049 -26.10 5.48 6.07
C TYR A 1049 -27.20 6.42 6.54
N LYS A 1050 -27.24 7.63 5.97
CA LYS A 1050 -28.20 8.64 6.44
C LYS A 1050 -29.58 8.41 5.85
N ILE A 1051 -29.65 8.06 4.56
CA ILE A 1051 -30.94 7.87 3.90
C ILE A 1051 -31.64 6.62 4.43
N LEU A 1052 -30.88 5.54 4.61
CA LEU A 1052 -31.47 4.28 5.07
C LEU A 1052 -32.06 4.41 6.46
N ALA A 1053 -31.23 4.79 7.44
CA ALA A 1053 -31.62 4.78 8.85
C ALA A 1053 -32.87 5.61 9.08
N LEU A 1054 -32.87 6.85 8.59
CA LEU A 1054 -34.05 7.71 8.69
C LEU A 1054 -35.29 7.00 8.15
N ASN A 1055 -35.19 6.45 6.94
CA ASN A 1055 -36.31 5.69 6.38
C ASN A 1055 -36.69 4.55 7.30
N CYS A 1056 -35.70 3.77 7.74
CA CYS A 1056 -35.99 2.65 8.65
C CYS A 1056 -36.62 3.17 9.93
N LEU A 1057 -36.13 4.30 10.45
CA LEU A 1057 -36.69 4.87 11.65
C LEU A 1057 -38.17 5.20 11.45
N ILE A 1058 -38.50 5.80 10.30
CA ILE A 1058 -39.88 6.12 9.99
C ILE A 1058 -40.71 4.84 9.94
N SER A 1059 -40.14 3.79 9.34
CA SER A 1059 -40.84 2.52 9.25
C SER A 1059 -41.19 2.00 10.63
N ALA A 1060 -40.27 2.15 11.59
CA ALA A 1060 -40.53 1.73 12.96
C ALA A 1060 -41.78 2.42 13.49
N TYR A 1061 -41.83 3.75 13.36
CA TYR A 1061 -43.02 4.48 13.80
C TYR A 1061 -44.23 4.03 13.00
N SER A 1062 -44.06 3.83 11.69
CA SER A 1062 -45.19 3.47 10.85
C SER A 1062 -45.68 2.06 11.16
N LEU A 1063 -44.94 1.31 11.96
CA LEU A 1063 -45.38 0.01 12.40
C LEU A 1063 -45.53 -0.10 13.91
N SER A 1064 -45.25 0.98 14.65
CA SER A 1064 -45.32 0.90 16.10
C SER A 1064 -46.66 1.40 16.63
N VAL A 1065 -46.98 2.66 16.39
CA VAL A 1065 -48.22 3.25 16.88
C VAL A 1065 -49.21 3.52 15.75
N LEU A 1066 -48.77 3.53 14.50
CA LEU A 1066 -49.70 3.71 13.39
C LEU A 1066 -50.34 2.38 12.99
N TYR A 1067 -49.61 1.28 13.11
CA TYR A 1067 -50.19 -0.04 12.86
C TYR A 1067 -51.28 -0.36 13.85
N LEU A 1068 -51.16 0.15 15.08
CA LEU A 1068 -52.20 -0.05 16.09
C LEU A 1068 -53.48 0.68 15.75
N GLU A 1069 -53.41 1.70 14.89
CA GLU A 1069 -54.59 2.36 14.38
C GLU A 1069 -55.23 1.49 13.29
N GLY A 1070 -56.31 1.97 12.70
CA GLY A 1070 -57.01 1.19 11.70
C GLY A 1070 -56.58 1.46 10.27
N ILE A 1071 -55.45 2.14 10.09
CA ILE A 1071 -55.03 2.55 8.77
C ILE A 1071 -54.43 1.37 8.02
N LYS A 1072 -54.81 1.23 6.75
CA LYS A 1072 -54.26 0.22 5.86
C LYS A 1072 -54.15 0.81 4.47
N PHE A 1073 -53.30 0.22 3.65
CA PHE A 1073 -53.03 0.72 2.30
C PHE A 1073 -53.38 -0.34 1.27
N GLY A 1074 -53.87 0.13 0.12
CA GLY A 1074 -54.19 -0.76 -0.97
C GLY A 1074 -52.95 -1.31 -1.65
N ASP A 1075 -53.17 -2.32 -2.50
CA ASP A 1075 -52.05 -3.00 -3.14
C ASP A 1075 -51.31 -2.10 -4.12
N GLY A 1076 -52.05 -1.29 -4.89
CA GLY A 1076 -51.40 -0.41 -5.85
C GLY A 1076 -50.51 0.64 -5.20
N GLN A 1077 -50.98 1.21 -4.09
CA GLN A 1077 -50.18 2.19 -3.36
C GLN A 1077 -48.91 1.55 -2.80
N ILE A 1078 -49.02 0.33 -2.28
CA ILE A 1078 -47.86 -0.38 -1.76
C ILE A 1078 -46.86 -0.67 -2.87
N THR A 1079 -47.35 -1.08 -4.05
CA THR A 1079 -46.45 -1.34 -5.18
C THR A 1079 -45.76 -0.07 -5.64
N ILE A 1080 -46.50 1.05 -5.66
CA ILE A 1080 -45.89 2.32 -6.07
C ILE A 1080 -44.79 2.72 -5.09
N SER A 1081 -45.08 2.62 -3.79
CA SER A 1081 -44.08 2.97 -2.79
C SER A 1081 -42.85 2.07 -2.88
N GLY A 1082 -43.07 0.76 -3.05
CA GLY A 1082 -41.95 -0.16 -3.17
C GLY A 1082 -41.10 0.07 -4.39
N MET A 1083 -41.73 0.32 -5.54
CA MET A 1083 -40.99 0.62 -6.77
C MET A 1083 -40.18 1.90 -6.62
N LEU A 1084 -40.79 2.93 -6.04
CA LEU A 1084 -40.07 4.18 -5.83
C LEU A 1084 -38.88 3.99 -4.91
N MET A 1085 -39.07 3.25 -3.80
CA MET A 1085 -37.96 3.02 -2.87
C MET A 1085 -36.85 2.23 -3.53
N SER A 1086 -37.18 1.18 -4.28
CA SER A 1086 -36.15 0.36 -4.93
C SER A 1086 -35.38 1.17 -5.96
N VAL A 1087 -36.07 1.95 -6.79
CA VAL A 1087 -35.40 2.73 -7.82
C VAL A 1087 -34.51 3.79 -7.19
N CYS A 1088 -35.01 4.49 -6.17
CA CYS A 1088 -34.22 5.55 -5.55
C CYS A 1088 -33.03 4.98 -4.78
N PHE A 1089 -33.16 3.78 -4.20
CA PHE A 1089 -32.03 3.18 -3.51
C PHE A 1089 -31.00 2.61 -4.47
N LEU A 1090 -31.41 2.11 -5.63
CA LEU A 1090 -30.45 1.64 -6.62
C LEU A 1090 -29.77 2.77 -7.38
N SER A 1091 -30.41 3.94 -7.46
CA SER A 1091 -29.79 5.07 -8.15
C SER A 1091 -28.76 5.78 -7.28
N ILE A 1092 -28.84 5.61 -5.95
CA ILE A 1092 -27.91 6.29 -5.06
C ILE A 1092 -26.52 5.69 -5.17
N SER A 1093 -26.43 4.36 -5.19
CA SER A 1093 -25.12 3.70 -5.12
C SER A 1093 -24.29 3.96 -6.38
N ARG A 1094 -24.92 3.92 -7.54
CA ARG A 1094 -24.20 4.14 -8.79
C ARG A 1094 -23.88 5.62 -8.95
N ALA A 1095 -22.60 5.97 -8.87
CA ALA A 1095 -22.18 7.36 -8.96
C ALA A 1095 -20.83 7.42 -9.66
N ARG A 1096 -20.63 8.47 -10.45
CA ARG A 1096 -19.38 8.70 -11.15
C ARG A 1096 -18.79 10.03 -10.70
N SER A 1097 -17.46 10.12 -10.78
CA SER A 1097 -16.73 11.25 -10.24
C SER A 1097 -16.82 12.47 -11.15
N VAL A 1098 -16.38 13.61 -10.62
CA VAL A 1098 -16.30 14.86 -11.35
C VAL A 1098 -14.84 15.27 -11.43
N GLU A 1099 -14.42 15.72 -12.61
CA GLU A 1099 -13.01 16.02 -12.85
C GLU A 1099 -12.53 17.17 -11.96
N GLY A 1100 -11.29 17.04 -11.48
CA GLY A 1100 -10.68 18.08 -10.68
C GLY A 1100 -10.93 17.95 -9.20
N LEU A 1101 -9.86 17.94 -8.41
CA LEU A 1101 -9.99 17.90 -6.97
C LEU A 1101 -10.49 19.25 -6.44
N SER A 1102 -11.10 19.22 -5.27
CA SER A 1102 -11.71 20.39 -4.66
C SER A 1102 -11.07 20.71 -3.32
N LYS A 1103 -11.16 21.98 -2.94
CA LYS A 1103 -10.58 22.41 -1.67
C LYS A 1103 -11.35 21.88 -0.48
N GLU A 1104 -12.63 21.56 -0.65
CA GLU A 1104 -13.46 21.06 0.43
C GLU A 1104 -13.37 19.54 0.52
N ARG A 1105 -13.32 19.03 1.74
CA ARG A 1105 -13.18 17.63 2.15
C ARG A 1105 -14.53 17.07 2.57
N PRO A 1106 -14.86 15.84 2.19
CA PRO A 1106 -16.13 15.24 2.60
C PRO A 1106 -16.15 14.93 4.08
N GLN A 1107 -17.33 14.63 4.60
CA GLN A 1107 -17.49 14.26 6.00
C GLN A 1107 -16.85 12.90 6.24
N PRO A 1108 -15.84 12.79 7.09
CA PRO A 1108 -15.12 11.52 7.23
C PRO A 1108 -15.91 10.39 7.88
N ASN A 1109 -16.49 10.66 9.04
CA ASN A 1109 -17.05 9.61 9.88
C ASN A 1109 -18.57 9.76 9.99
N ILE A 1110 -19.24 8.61 10.11
CA ILE A 1110 -20.70 8.61 10.19
C ILE A 1110 -21.16 9.19 11.53
N PHE A 1111 -20.47 8.86 12.62
CA PHE A 1111 -20.89 9.29 13.95
C PHE A 1111 -20.30 10.65 14.25
N ASN A 1112 -21.15 11.67 14.21
CA ASN A 1112 -20.76 13.06 14.38
C ASN A 1112 -22.01 13.83 14.79
N PHE A 1113 -21.82 15.03 15.31
CA PHE A 1113 -22.96 15.83 15.76
C PHE A 1113 -23.86 16.21 14.59
N TYR A 1114 -23.27 16.47 13.42
CA TYR A 1114 -24.06 16.92 12.26
C TYR A 1114 -25.02 15.84 11.79
N ILE A 1115 -24.52 14.62 11.57
CA ILE A 1115 -25.35 13.56 11.00
C ILE A 1115 -26.45 13.16 11.98
N ILE A 1116 -26.09 12.95 13.25
CA ILE A 1116 -27.06 12.54 14.25
C ILE A 1116 -28.10 13.63 14.47
N GLY A 1117 -27.65 14.89 14.53
CA GLY A 1117 -28.58 15.99 14.70
C GLY A 1117 -29.56 16.11 13.55
N SER A 1118 -29.06 15.99 12.32
CA SER A 1118 -29.93 16.07 11.15
C SER A 1118 -30.94 14.92 11.14
N ILE A 1119 -30.49 13.70 11.44
CA ILE A 1119 -31.38 12.54 11.43
C ILE A 1119 -32.48 12.71 12.47
N LEU A 1120 -32.09 13.08 13.69
CA LEU A 1120 -33.07 13.22 14.76
C LEU A 1120 -34.02 14.37 14.50
N GLY A 1121 -33.53 15.49 13.97
CA GLY A 1121 -34.40 16.60 13.66
C GLY A 1121 -35.41 16.29 12.58
N GLN A 1122 -34.96 15.64 11.50
CA GLN A 1122 -35.90 15.28 10.43
C GLN A 1122 -36.92 14.25 10.91
N PHE A 1123 -36.47 13.27 11.71
CA PHE A 1123 -37.42 12.29 12.24
C PHE A 1123 -38.44 12.94 13.17
N ALA A 1124 -38.01 13.90 14.00
CA ALA A 1124 -38.93 14.60 14.87
C ALA A 1124 -39.94 15.43 14.08
N VAL A 1125 -39.48 16.08 13.00
CA VAL A 1125 -40.38 16.85 12.15
C VAL A 1125 -41.42 15.94 11.51
N HIS A 1126 -40.98 14.78 11.00
CA HIS A 1126 -41.90 13.83 10.39
C HIS A 1126 -42.93 13.34 11.40
N VAL A 1127 -42.48 13.00 12.61
CA VAL A 1127 -43.39 12.50 13.63
C VAL A 1127 -44.41 13.57 14.03
N ALA A 1128 -43.96 14.81 14.20
CA ALA A 1128 -44.87 15.89 14.57
C ALA A 1128 -45.90 16.15 13.49
N THR A 1129 -45.48 16.15 12.22
CA THR A 1129 -46.44 16.37 11.13
C THR A 1129 -47.45 15.23 11.06
N LEU A 1130 -47.01 13.99 11.24
CA LEU A 1130 -47.94 12.85 11.23
C LEU A 1130 -48.93 12.94 12.38
N ILE A 1131 -48.45 13.32 13.57
CA ILE A 1131 -49.35 13.44 14.72
C ILE A 1131 -50.39 14.53 14.49
N TYR A 1132 -49.95 15.68 13.96
CA TYR A 1132 -50.89 16.78 13.71
C TYR A 1132 -51.94 16.40 12.67
N ILE A 1133 -51.52 15.77 11.57
CA ILE A 1133 -52.49 15.43 10.54
C ILE A 1133 -53.43 14.33 11.03
N ALA A 1134 -52.95 13.40 11.86
CA ALA A 1134 -53.83 12.37 12.41
C ALA A 1134 -54.87 12.98 13.34
N GLN A 1135 -54.46 13.91 14.20
CA GLN A 1135 -55.43 14.52 15.11
C GLN A 1135 -56.42 15.40 14.36
N LEU A 1136 -55.99 16.08 13.30
CA LEU A 1136 -56.93 16.90 12.53
C LEU A 1136 -57.92 16.02 11.76
N CYS A 1137 -57.43 14.92 11.17
CA CYS A 1137 -58.30 14.02 10.45
C CYS A 1137 -59.32 13.36 11.37
N ASP A 1138 -58.90 13.01 12.59
CA ASP A 1138 -59.88 12.48 13.55
C ASP A 1138 -60.84 13.56 14.03
N GLN A 1139 -60.38 14.82 14.09
CA GLN A 1139 -61.26 15.91 14.49
C GLN A 1139 -62.37 16.16 13.47
N ILE A 1140 -62.02 16.17 12.19
CA ILE A 1140 -63.01 16.51 11.16
C ILE A 1140 -64.09 15.43 11.06
N GLU A 1141 -63.69 14.17 11.00
CA GLU A 1141 -64.62 13.04 11.01
C GLU A 1141 -64.17 12.03 12.04
N PRO A 1142 -64.82 11.97 13.21
CA PRO A 1142 -64.43 11.00 14.22
C PRO A 1142 -64.78 9.58 13.83
N ARG A 1143 -64.02 8.63 14.38
CA ARG A 1143 -64.26 7.19 14.18
C ARG A 1143 -64.40 6.57 15.58
N THR A 1144 -65.65 6.42 16.03
CA THR A 1144 -65.92 5.84 17.34
C THR A 1144 -66.11 4.33 17.29
N GLU A 1145 -66.02 3.72 16.12
CA GLU A 1145 -66.19 2.28 16.00
C GLU A 1145 -64.97 1.54 16.55
N VAL A 1146 -65.16 0.24 16.81
CA VAL A 1146 -64.06 -0.58 17.29
C VAL A 1146 -63.07 -0.84 16.15
N ILE A 1147 -61.84 -1.15 16.53
CA ILE A 1147 -60.74 -1.36 15.58
C ILE A 1147 -60.30 -2.80 15.68
N ASP A 1148 -60.22 -3.48 14.53
CA ASP A 1148 -59.67 -4.82 14.43
C ASP A 1148 -58.51 -4.81 13.46
N LEU A 1149 -57.49 -5.59 13.76
CA LEU A 1149 -56.22 -5.55 13.03
C LEU A 1149 -56.13 -6.59 11.93
N GLU A 1150 -57.20 -7.36 11.68
CA GLU A 1150 -57.19 -8.40 10.66
C GLU A 1150 -58.14 -8.12 9.51
N ALA A 1151 -58.81 -6.98 9.50
CA ALA A 1151 -59.76 -6.67 8.44
C ALA A 1151 -59.04 -6.33 7.15
N GLU A 1152 -59.80 -6.33 6.05
CA GLU A 1152 -59.26 -6.00 4.75
C GLU A 1152 -59.13 -4.48 4.60
N PHE A 1153 -58.62 -4.06 3.44
CA PHE A 1153 -58.46 -2.64 3.19
C PHE A 1153 -59.81 -1.97 2.99
N LYS A 1154 -59.95 -0.78 3.58
CA LYS A 1154 -61.19 -0.02 3.46
C LYS A 1154 -60.85 1.44 3.19
N PRO A 1155 -61.37 2.03 2.11
CA PRO A 1155 -61.06 3.43 1.82
C PRO A 1155 -61.71 4.38 2.81
N SER A 1156 -60.92 5.33 3.29
CA SER A 1156 -61.39 6.35 4.21
C SER A 1156 -60.46 7.55 4.10
N LEU A 1157 -60.81 8.62 4.81
CA LEU A 1157 -60.02 9.84 4.68
C LEU A 1157 -58.71 9.74 5.46
N LEU A 1158 -58.70 9.00 6.57
CA LEU A 1158 -57.45 8.67 7.24
C LEU A 1158 -56.53 7.85 6.35
N ASN A 1159 -57.09 6.83 5.69
CA ASN A 1159 -56.31 5.95 4.82
C ASN A 1159 -55.72 6.69 3.63
N SER A 1160 -56.27 7.83 3.26
CA SER A 1160 -55.71 8.64 2.19
C SER A 1160 -54.72 9.67 2.69
N ALA A 1161 -55.07 10.35 3.80
CA ALA A 1161 -54.20 11.40 4.33
C ALA A 1161 -52.87 10.83 4.81
N VAL A 1162 -52.92 9.73 5.57
CA VAL A 1162 -51.71 9.12 6.07
C VAL A 1162 -50.84 8.61 4.93
N TYR A 1163 -51.46 8.02 3.91
CA TYR A 1163 -50.70 7.51 2.77
C TYR A 1163 -50.03 8.64 2.00
N LEU A 1164 -50.75 9.74 1.74
CA LEU A 1164 -50.16 10.85 1.01
C LEU A 1164 -49.00 11.46 1.79
N LEU A 1165 -49.19 11.67 3.10
CA LEU A 1165 -48.11 12.24 3.89
C LEU A 1165 -46.90 11.31 3.94
N GLN A 1166 -47.13 10.00 4.09
CA GLN A 1166 -46.02 9.05 4.15
C GLN A 1166 -45.25 9.02 2.83
N LEU A 1167 -45.97 9.07 1.71
CA LEU A 1167 -45.31 9.10 0.41
C LEU A 1167 -44.48 10.37 0.25
N ILE A 1168 -44.99 11.50 0.76
CA ILE A 1168 -44.21 12.73 0.73
C ILE A 1168 -42.96 12.60 1.60
N GLN A 1169 -43.06 11.90 2.74
CA GLN A 1169 -41.86 11.66 3.57
C GLN A 1169 -40.82 10.84 2.81
N GLN A 1170 -41.26 9.78 2.15
CA GLN A 1170 -40.31 8.94 1.39
C GLN A 1170 -39.70 9.71 0.22
N ILE A 1171 -40.42 10.67 -0.35
CA ILE A 1171 -39.83 11.53 -1.37
C ILE A 1171 -38.81 12.47 -0.73
N SER A 1172 -39.14 13.05 0.42
CA SER A 1172 -38.30 14.08 1.03
C SER A 1172 -36.97 13.52 1.50
N THR A 1173 -36.97 12.30 2.05
CA THR A 1173 -35.71 11.74 2.57
C THR A 1173 -34.68 11.56 1.46
N PHE A 1174 -35.12 11.26 0.24
CA PHE A 1174 -34.20 11.23 -0.88
C PHE A 1174 -33.96 12.63 -1.46
N ALA A 1175 -34.92 13.54 -1.30
CA ALA A 1175 -34.79 14.86 -1.92
C ALA A 1175 -33.75 15.72 -1.20
N VAL A 1176 -33.78 15.75 0.13
CA VAL A 1176 -32.91 16.70 0.84
C VAL A 1176 -31.54 16.11 1.12
N ASN A 1177 -31.45 14.84 1.51
CA ASN A 1177 -30.16 14.23 1.88
C ASN A 1177 -29.44 13.75 0.62
N TYR A 1178 -28.82 14.71 -0.07
CA TYR A 1178 -28.10 14.40 -1.31
C TYR A 1178 -27.05 15.48 -1.52
N GLN A 1179 -25.79 15.07 -1.54
CA GLN A 1179 -24.67 15.97 -1.81
C GLN A 1179 -24.18 15.77 -3.23
N GLY A 1180 -24.12 16.86 -3.99
CA GLY A 1180 -23.93 16.77 -5.42
C GLY A 1180 -22.61 17.28 -5.98
N ARG A 1181 -22.65 18.52 -6.48
CA ARG A 1181 -21.62 19.04 -7.38
C ARG A 1181 -20.18 18.97 -6.85
N PRO A 1182 -19.85 19.38 -5.61
CA PRO A 1182 -18.43 19.44 -5.23
C PRO A 1182 -17.72 18.08 -5.20
N PHE A 1183 -18.45 16.98 -5.15
CA PHE A 1183 -17.77 15.68 -5.07
C PHE A 1183 -18.22 14.68 -6.12
N ARG A 1184 -19.50 14.67 -6.48
CA ARG A 1184 -20.03 13.63 -7.36
C ARG A 1184 -21.02 14.27 -8.33
N GLU A 1185 -21.86 13.44 -8.95
CA GLU A 1185 -22.80 13.91 -9.95
C GLU A 1185 -23.83 14.86 -9.34
N SER A 1186 -24.25 15.84 -10.14
CA SER A 1186 -25.38 16.67 -9.74
C SER A 1186 -26.68 15.88 -9.86
N LEU A 1187 -27.69 16.34 -9.13
CA LEU A 1187 -28.98 15.65 -9.11
C LEU A 1187 -29.68 15.72 -10.47
N SER A 1188 -29.55 16.84 -11.17
CA SER A 1188 -30.22 17.01 -12.46
C SER A 1188 -29.66 16.08 -13.53
N GLU A 1189 -28.45 15.56 -13.35
CA GLU A 1189 -27.87 14.65 -14.33
C GLU A 1189 -28.25 13.19 -14.07
N ASN A 1190 -28.48 12.83 -12.80
CA ASN A 1190 -28.87 11.46 -12.47
C ASN A 1190 -30.32 11.22 -12.87
N LYS A 1191 -30.54 10.69 -14.07
CA LYS A 1191 -31.88 10.57 -14.62
C LYS A 1191 -32.73 9.59 -13.83
N GLY A 1192 -32.15 8.45 -13.44
CA GLY A 1192 -32.93 7.39 -12.81
C GLY A 1192 -33.55 7.78 -11.50
N MET A 1193 -32.91 8.68 -10.74
CA MET A 1193 -33.50 9.18 -9.52
C MET A 1193 -34.37 10.41 -9.76
N PHE A 1194 -33.89 11.34 -10.59
CA PHE A 1194 -34.58 12.61 -10.78
C PHE A 1194 -35.95 12.42 -11.44
N TYR A 1195 -36.02 11.58 -12.48
CA TYR A 1195 -37.29 11.37 -13.17
C TYR A 1195 -38.32 10.75 -12.24
N GLY A 1196 -37.90 9.73 -11.47
CA GLY A 1196 -38.81 9.12 -10.52
C GLY A 1196 -39.26 10.07 -9.44
N ILE A 1197 -38.33 10.88 -8.90
CA ILE A 1197 -38.68 11.82 -7.84
C ILE A 1197 -39.69 12.84 -8.34
N VAL A 1198 -39.43 13.44 -9.51
CA VAL A 1198 -40.33 14.48 -10.01
C VAL A 1198 -41.67 13.89 -10.40
N GLY A 1199 -41.69 12.68 -10.97
CA GLY A 1199 -42.96 12.07 -11.34
C GLY A 1199 -43.81 11.71 -10.14
N VAL A 1200 -43.19 11.12 -9.10
CA VAL A 1200 -43.96 10.72 -7.94
C VAL A 1200 -44.43 11.93 -7.15
N THR A 1201 -43.60 12.97 -7.03
CA THR A 1201 -44.07 14.16 -6.33
C THR A 1201 -45.14 14.91 -7.11
N ALA A 1202 -45.08 14.87 -8.46
CA ALA A 1202 -46.15 15.46 -9.25
C ALA A 1202 -47.44 14.68 -9.07
N ILE A 1203 -47.37 13.35 -9.03
CA ILE A 1203 -48.56 12.54 -8.81
C ILE A 1203 -49.16 12.83 -7.44
N ALA A 1204 -48.32 12.90 -6.41
CA ALA A 1204 -48.81 13.18 -5.06
C ALA A 1204 -49.47 14.55 -4.96
N PHE A 1205 -48.83 15.57 -5.54
CA PHE A 1205 -49.42 16.91 -5.49
C PHE A 1205 -50.70 16.99 -6.31
N ALA A 1206 -50.75 16.32 -7.46
CA ALA A 1206 -51.97 16.32 -8.27
C ALA A 1206 -53.12 15.65 -7.55
N CYS A 1207 -52.84 14.53 -6.86
CA CYS A 1207 -53.87 13.89 -6.06
C CYS A 1207 -54.28 14.76 -4.89
N SER A 1208 -53.34 15.53 -4.34
CA SER A 1208 -53.66 16.40 -3.22
C SER A 1208 -54.58 17.55 -3.64
N THR A 1209 -54.31 18.16 -4.80
CA THR A 1209 -55.06 19.33 -5.22
C THR A 1209 -56.29 19.00 -6.07
N GLU A 1210 -56.57 17.71 -6.28
CA GLU A 1210 -57.78 17.24 -6.96
C GLU A 1210 -57.92 17.77 -8.38
N MET A 1211 -56.82 17.77 -9.15
CA MET A 1211 -56.93 18.14 -10.56
C MET A 1211 -57.63 17.07 -11.37
N LEU A 1212 -57.29 15.79 -11.14
CA LEU A 1212 -57.86 14.70 -11.90
C LEU A 1212 -58.81 13.90 -11.02
N PRO A 1213 -60.13 13.96 -11.25
CA PRO A 1213 -61.04 13.13 -10.47
C PRO A 1213 -60.85 11.64 -10.70
N GLU A 1214 -60.42 11.24 -11.91
CA GLU A 1214 -60.23 9.83 -12.20
C GLU A 1214 -59.02 9.27 -11.46
N LEU A 1215 -57.98 10.11 -11.25
CA LEU A 1215 -56.76 9.65 -10.61
C LEU A 1215 -57.00 9.26 -9.16
N ASN A 1216 -57.94 9.93 -8.49
CA ASN A 1216 -58.26 9.58 -7.11
C ASN A 1216 -58.87 8.18 -7.03
N GLU A 1217 -59.80 7.87 -7.93
CA GLU A 1217 -60.38 6.53 -7.94
C GLU A 1217 -59.44 5.50 -8.53
N ALA A 1218 -58.38 5.93 -9.22
CA ALA A 1218 -57.40 4.98 -9.75
C ALA A 1218 -56.65 4.26 -8.64
N MET A 1219 -56.27 5.00 -7.60
CA MET A 1219 -55.49 4.43 -6.50
C MET A 1219 -56.32 4.27 -5.22
N LYS A 1220 -57.64 4.11 -5.37
CA LYS A 1220 -58.56 3.89 -4.24
C LYS A 1220 -58.47 5.02 -3.20
N LEU A 1221 -58.41 6.25 -3.69
CA LEU A 1221 -58.28 7.42 -2.83
C LEU A 1221 -59.62 8.15 -2.77
N VAL A 1222 -60.08 8.44 -1.56
CA VAL A 1222 -61.41 8.98 -1.34
C VAL A 1222 -61.47 10.45 -1.77
N PRO A 1223 -62.65 10.99 -2.08
CA PRO A 1223 -62.76 12.42 -2.36
C PRO A 1223 -62.49 13.26 -1.13
N PHE A 1224 -62.10 14.50 -1.35
CA PHE A 1224 -61.60 15.39 -0.30
C PHE A 1224 -62.50 16.59 -0.14
N ASN A 1225 -62.61 17.06 1.11
CA ASN A 1225 -63.28 18.31 1.41
C ASN A 1225 -62.41 19.49 0.95
N GLU A 1226 -63.07 20.59 0.60
CA GLU A 1226 -62.35 21.76 0.12
C GLU A 1226 -61.47 22.37 1.20
N ASN A 1227 -61.97 22.43 2.45
CA ASN A 1227 -61.20 23.03 3.52
C ASN A 1227 -60.00 22.17 3.91
N PHE A 1228 -60.11 20.85 3.77
CA PHE A 1228 -59.01 19.96 4.17
C PHE A 1228 -57.87 20.00 3.16
N LYS A 1229 -58.17 20.24 1.89
CA LYS A 1229 -57.15 20.21 0.85
C LYS A 1229 -56.08 21.27 1.08
N THR A 1230 -56.51 22.49 1.41
CA THR A 1230 -55.56 23.59 1.58
C THR A 1230 -54.65 23.36 2.78
N ILE A 1231 -55.21 22.95 3.92
CA ILE A 1231 -54.39 22.74 5.10
C ILE A 1231 -53.47 21.55 4.92
N MET A 1232 -53.92 20.51 4.22
CA MET A 1232 -53.03 19.38 3.92
C MET A 1232 -51.88 19.80 3.01
N THR A 1233 -52.17 20.60 1.98
CA THR A 1233 -51.11 21.07 1.09
C THR A 1233 -50.10 21.94 1.85
N THR A 1234 -50.60 22.82 2.73
CA THR A 1234 -49.69 23.64 3.52
C THR A 1234 -48.85 22.81 4.48
N VAL A 1235 -49.42 21.77 5.10
CA VAL A 1235 -48.63 20.98 6.03
C VAL A 1235 -47.58 20.16 5.29
N MET A 1236 -47.89 19.69 4.08
CA MET A 1236 -46.87 19.02 3.27
C MET A 1236 -45.76 19.97 2.87
N ILE A 1237 -46.12 21.21 2.51
CA ILE A 1237 -45.12 22.21 2.13
C ILE A 1237 -44.23 22.55 3.32
N ILE A 1238 -44.84 22.69 4.51
CA ILE A 1238 -44.07 22.98 5.73
C ILE A 1238 -43.12 21.84 6.05
N ASP A 1239 -43.58 20.59 5.89
CA ASP A 1239 -42.70 19.44 6.09
C ASP A 1239 -41.51 19.49 5.13
N PHE A 1240 -41.79 19.72 3.85
CA PHE A 1240 -40.73 19.74 2.83
C PHE A 1240 -39.73 20.86 3.09
N VAL A 1241 -40.21 22.03 3.51
CA VAL A 1241 -39.33 23.16 3.79
C VAL A 1241 -38.49 22.93 5.04
N ALA A 1242 -39.11 22.41 6.12
CA ALA A 1242 -38.39 22.23 7.37
C ALA A 1242 -37.32 21.15 7.25
N CYS A 1243 -37.61 20.07 6.51
CA CYS A 1243 -36.62 19.01 6.32
C CYS A 1243 -35.39 19.52 5.59
N TYR A 1244 -35.53 20.57 4.77
CA TYR A 1244 -34.39 21.17 4.11
C TYR A 1244 -33.69 22.18 5.02
N VAL A 1245 -34.47 22.98 5.74
CA VAL A 1245 -33.90 24.07 6.55
C VAL A 1245 -33.05 23.51 7.68
N ILE A 1246 -33.54 22.47 8.37
CA ILE A 1246 -32.81 21.91 9.50
C ILE A 1246 -31.47 21.33 9.02
N GLU A 1247 -31.49 20.59 7.92
CA GLU A 1247 -30.27 20.00 7.38
C GLU A 1247 -29.30 21.08 6.92
N TRP A 1248 -29.82 22.15 6.30
CA TRP A 1248 -28.96 23.22 5.81
C TRP A 1248 -28.27 23.94 6.96
N VAL A 1249 -29.02 24.28 8.02
CA VAL A 1249 -28.42 25.01 9.13
C VAL A 1249 -27.45 24.11 9.89
N LEU A 1250 -27.74 22.81 9.99
CA LEU A 1250 -26.80 21.91 10.66
C LEU A 1250 -25.53 21.70 9.84
N LYS A 1251 -25.65 21.67 8.51
CA LYS A 1251 -24.47 21.56 7.67
C LYS A 1251 -23.61 22.81 7.74
N LYS A 1252 -24.25 23.99 7.75
CA LYS A 1252 -23.48 25.23 7.82
C LYS A 1252 -22.85 25.42 9.20
N LEU A 1253 -23.50 24.96 10.27
CA LEU A 1253 -23.03 25.26 11.60
C LEU A 1253 -22.02 24.23 12.13
N PHE A 1254 -22.40 22.95 12.19
CA PHE A 1254 -21.69 21.95 12.98
C PHE A 1254 -21.02 20.88 12.11
N SER A 1255 -20.38 21.27 11.02
CA SER A 1255 -19.75 20.33 10.11
C SER A 1255 -18.25 20.60 10.04
N ASP A 1256 -17.48 19.53 9.81
CA ASP A 1256 -16.02 19.58 9.75
C ASP A 1256 -15.57 19.19 8.34
N LEU A 1257 -15.27 20.18 7.51
CA LEU A 1257 -14.76 19.95 6.17
C LEU A 1257 -13.41 20.57 5.92
N ARG A 1258 -12.84 21.29 6.89
CA ARG A 1258 -11.63 22.07 6.63
C ARG A 1258 -10.39 21.20 6.74
N ALA A 1259 -9.27 21.75 6.28
CA ALA A 1259 -7.99 21.05 6.33
C ALA A 1259 -7.50 20.92 7.76
N ARG A 1260 -6.69 19.90 8.00
CA ARG A 1260 -6.12 19.69 9.32
C ARG A 1260 -4.92 20.62 9.53
N ASP A 1261 -4.25 20.46 10.67
CA ASP A 1261 -3.15 21.35 11.01
C ASP A 1261 -1.90 21.12 10.16
N ILE A 1262 -1.78 19.94 9.55
CA ILE A 1262 -0.57 19.65 8.78
C ILE A 1262 -0.65 20.17 7.36
N ALA A 1263 -1.83 20.55 6.89
CA ALA A 1263 -2.00 21.02 5.51
C ALA A 1263 -2.35 22.51 5.43
N GLU A 1264 -2.14 23.25 6.51
CA GLU A 1264 -2.46 24.68 6.52
C GLU A 1264 -1.41 25.44 5.72
N ARG A 1265 -1.80 25.92 4.54
CA ARG A 1265 -0.88 26.62 3.66
C ARG A 1265 -0.61 28.03 4.16
N ARG A 1266 0.62 28.50 3.92
CA ARG A 1266 0.98 29.87 4.24
C ARG A 1266 0.31 30.83 3.26
N PRO A 1267 0.09 32.09 3.65
CA PRO A 1267 -0.58 33.05 2.76
C PRO A 1267 0.16 33.30 1.45
N ASP A 1268 1.49 33.25 1.46
CA ASP A 1268 2.25 33.48 0.23
C ASP A 1268 1.99 32.38 -0.79
N GLN A 1269 1.87 31.13 -0.34
CA GLN A 1269 1.56 30.04 -1.27
C GLN A 1269 0.17 30.20 -1.88
N LEU A 1270 -0.81 30.61 -1.08
CA LEU A 1270 -2.15 30.85 -1.61
C LEU A 1270 -2.15 32.01 -2.59
N GLU A 1271 -1.38 33.07 -2.30
CA GLU A 1271 -1.27 34.19 -3.23
C GLU A 1271 -0.65 33.76 -4.54
N ARG A 1272 0.40 32.93 -4.49
CA ARG A 1272 1.02 32.44 -5.71
C ARG A 1272 0.07 31.56 -6.50
N GLU A 1273 -0.71 30.73 -5.80
CA GLU A 1273 -1.71 29.90 -6.47
C GLU A 1273 -2.77 30.75 -7.16
N ARG A 1274 -3.23 31.81 -6.50
CA ARG A 1274 -4.22 32.70 -7.10
C ARG A 1274 -3.66 33.42 -8.32
N VAL A 1275 -2.40 33.87 -8.23
CA VAL A 1275 -1.75 34.52 -9.36
C VAL A 1275 -1.63 33.57 -10.54
N ARG A 1276 -1.22 32.32 -10.28
CA ARG A 1276 -1.13 31.32 -11.35
C ARG A 1276 -2.49 31.05 -11.97
N LYS A 1277 -3.53 30.95 -11.14
CA LYS A 1277 -4.87 30.68 -11.64
C LYS A 1277 -5.37 31.81 -12.54
N GLU A 1278 -5.20 33.06 -12.10
CA GLU A 1278 -5.68 34.18 -12.91
C GLU A 1278 -4.85 34.33 -14.18
N LYS A 1279 -3.54 34.05 -14.11
CA LYS A 1279 -2.70 34.13 -15.30
C LYS A 1279 -3.09 33.08 -16.33
N GLU A 1280 -3.31 31.83 -15.89
CA GLU A 1280 -3.68 30.78 -16.82
C GLU A 1280 -5.09 31.00 -17.37
N ALA A 1281 -5.98 31.58 -16.56
CA ALA A 1281 -7.31 31.92 -17.06
C ALA A 1281 -7.22 33.03 -18.10
N ARG A 1282 -6.34 34.00 -17.89
CA ARG A 1282 -6.18 35.09 -18.86
C ARG A 1282 -5.59 34.59 -20.17
N GLU A 1283 -4.59 33.71 -20.10
CA GLU A 1283 -3.97 33.24 -21.33
C GLU A 1283 -4.74 32.09 -21.96
N LYS A 1284 -5.77 31.59 -21.26
CA LYS A 1284 -6.52 30.45 -21.77
C LYS A 1284 -7.40 30.83 -22.96
N GLU A 1285 -7.71 32.12 -23.09
CA GLU A 1285 -8.60 32.61 -24.15
C GLU A 1285 -8.09 32.31 -25.55
#